data_2E7J
#
_entry.id   2E7J
#
_cell.length_a   152.174
_cell.length_b   152.174
_cell.length_c   92.531
_cell.angle_alpha   90.00
_cell.angle_beta   90.00
_cell.angle_gamma   90.00
#
_symmetry.space_group_name_H-M   'P 41 21 2'
#
loop_
_entity.id
_entity.type
_entity.pdbx_description
1 polymer 'Sep-tRNA:Cys-tRNA synthase'
2 non-polymer 'SULFATE ION'
3 non-polymer "PYRIDOXAL-5'-PHOSPHATE"
4 water water
#
_entity_poly.entity_id   1
_entity_poly.type   'polypeptide(L)'
_entity_poly.pdbx_seq_one_letter_code
;MFKRETKDFINIDPLQTGGKLTEEARQALLEWGDGYSVCDFCTTGRLDEIKTPPIHDFIHNQLPKFLGCDVARVTNGARE
AKFAVMHSLAKKDAWVVMDENCHYSSYVAAERAGLNIALVPKTDYPDYAITPENFAQTIEETKKRGEVVLALITYPDGNY
GNLPDVKKIAKVCSEYDVPLLVNGAYAIGRMPVSLKEIGADFIVGSGHKSMAASGPIGVMGMKEEWAEIVLRRSEKYKNK
EVELLGCTARGATIITLMASFPHVRERIKRWDEEVEKARRFAAEMEKLGIKQLGDNPHNHDLMFFHAEVLYEISKKAKGG
RFFLYRELKSRKIHGIKPGLTRYFKLSTYGLSDEEVDYVLNAFKEIIEKYS
;
_entity_poly.pdbx_strand_id   A,B
#
# COMPACT_ATOMS: atom_id res chain seq x y z
N ASP A 8 11.48 27.38 1.72
CA ASP A 8 12.07 26.67 0.54
C ASP A 8 13.51 26.26 0.82
N PHE A 9 13.82 25.01 0.50
CA PHE A 9 15.16 24.41 0.70
C PHE A 9 15.63 23.76 -0.60
N ILE A 10 16.94 23.56 -0.75
CA ILE A 10 17.48 22.85 -1.91
C ILE A 10 17.58 21.41 -1.39
N ASN A 11 16.75 20.51 -1.92
CA ASN A 11 16.74 19.11 -1.48
C ASN A 11 17.67 18.17 -2.27
N ILE A 12 18.48 17.41 -1.54
CA ILE A 12 19.45 16.51 -2.14
C ILE A 12 19.34 15.08 -1.55
N ASP A 13 18.17 14.79 -1.00
CA ASP A 13 17.87 13.49 -0.42
C ASP A 13 17.69 12.52 -1.61
N PRO A 14 18.46 11.41 -1.65
CA PRO A 14 18.30 10.47 -2.78
C PRO A 14 16.87 9.91 -2.81
N LEU A 15 16.27 9.74 -1.64
CA LEU A 15 14.93 9.17 -1.59
C LEU A 15 13.85 10.07 -2.17
N GLN A 16 14.11 11.37 -2.24
CA GLN A 16 13.10 12.33 -2.69
C GLN A 16 13.32 13.08 -4.03
N THR A 17 14.55 13.14 -4.51
CA THR A 17 14.82 13.88 -5.74
C THR A 17 14.01 13.41 -6.96
N GLY A 18 13.76 12.10 -7.07
CA GLY A 18 12.99 11.60 -8.19
C GLY A 18 11.50 11.53 -7.88
N GLY A 19 11.15 11.91 -6.66
CA GLY A 19 9.75 11.85 -6.24
C GLY A 19 9.00 13.15 -6.07
N LYS A 20 9.57 14.26 -6.51
CA LYS A 20 8.89 15.54 -6.40
C LYS A 20 7.59 15.43 -7.21
N LEU A 21 6.51 15.91 -6.63
CA LEU A 21 5.27 15.85 -7.34
C LEU A 21 5.23 16.80 -8.51
N THR A 22 4.61 16.33 -9.57
CA THR A 22 4.40 17.07 -10.81
C THR A 22 3.32 18.16 -10.58
N GLU A 23 3.23 19.11 -11.49
CA GLU A 23 2.23 20.17 -11.39
C GLU A 23 0.91 19.45 -11.63
N GLU A 24 0.88 18.70 -12.72
CA GLU A 24 -0.28 17.92 -13.09
C GLU A 24 -0.70 17.06 -11.90
N ALA A 25 0.27 16.42 -11.26
CA ALA A 25 -0.02 15.56 -10.11
C ALA A 25 -0.38 16.35 -8.88
N ARG A 26 0.26 17.50 -8.67
CA ARG A 26 -0.05 18.32 -7.51
C ARG A 26 -1.49 18.81 -7.61
N GLN A 27 -1.80 19.41 -8.75
CA GLN A 27 -3.13 19.93 -9.01
C GLN A 27 -4.17 18.83 -9.06
N ALA A 28 -3.78 17.65 -9.51
CA ALA A 28 -4.69 16.52 -9.61
C ALA A 28 -4.97 15.92 -8.24
N LEU A 29 -3.97 15.98 -7.38
CA LEU A 29 -4.11 15.43 -6.04
C LEU A 29 -5.18 16.23 -5.29
N LEU A 30 -5.45 17.43 -5.81
CA LEU A 30 -6.45 18.34 -5.26
C LEU A 30 -7.85 17.85 -5.66
N GLU A 31 -8.23 18.14 -6.91
CA GLU A 31 -9.53 17.76 -7.50
C GLU A 31 -10.09 16.57 -6.76
N TRP A 32 -9.27 15.54 -6.65
CA TRP A 32 -9.68 14.35 -5.94
C TRP A 32 -9.90 14.71 -4.47
N PRO A 53 -11.05 8.05 -15.01
CA PRO A 53 -9.63 7.87 -15.35
C PRO A 53 -9.40 6.64 -16.23
N PRO A 54 -8.47 6.73 -17.20
CA PRO A 54 -8.17 5.61 -18.11
C PRO A 54 -7.14 4.67 -17.48
N ILE A 55 -7.48 4.16 -16.31
CA ILE A 55 -6.60 3.25 -15.59
C ILE A 55 -6.34 1.96 -16.33
N HIS A 56 -7.36 1.44 -17.01
CA HIS A 56 -7.19 0.19 -17.76
C HIS A 56 -6.16 0.46 -18.85
N ASP A 57 -6.38 1.56 -19.57
CA ASP A 57 -5.50 1.99 -20.64
C ASP A 57 -4.08 2.02 -20.10
N PHE A 58 -3.94 2.76 -19.02
CA PHE A 58 -2.67 2.93 -18.37
C PHE A 58 -1.94 1.64 -17.99
N ILE A 59 -2.62 0.65 -17.42
CA ILE A 59 -1.84 -0.54 -17.05
C ILE A 59 -1.74 -1.60 -18.12
N HIS A 60 -2.74 -1.69 -18.98
CA HIS A 60 -2.70 -2.71 -20.02
C HIS A 60 -1.93 -2.24 -21.25
N ASN A 61 -1.86 -0.93 -21.45
CA ASN A 61 -1.16 -0.38 -22.62
C ASN A 61 0.09 0.44 -22.33
N GLN A 62 -0.10 1.64 -21.81
CA GLN A 62 1.02 2.54 -21.54
C GLN A 62 2.17 2.02 -20.69
N LEU A 63 1.83 1.37 -19.58
CA LEU A 63 2.83 0.87 -18.63
C LEU A 63 3.67 -0.29 -19.11
N PRO A 64 3.05 -1.25 -19.80
CA PRO A 64 3.84 -2.38 -20.27
C PRO A 64 4.85 -1.88 -21.32
N LYS A 65 4.42 -0.88 -22.10
CA LYS A 65 5.28 -0.29 -23.11
C LYS A 65 6.45 0.37 -22.41
N PHE A 66 6.12 1.36 -21.58
CA PHE A 66 7.11 2.12 -20.85
C PHE A 66 8.16 1.25 -20.16
N LEU A 67 7.75 0.07 -19.67
CA LEU A 67 8.68 -0.83 -18.98
C LEU A 67 9.29 -1.85 -19.91
N GLY A 68 8.83 -1.85 -21.16
CA GLY A 68 9.33 -2.80 -22.14
C GLY A 68 9.08 -4.23 -21.72
N CYS A 69 7.82 -4.56 -21.45
CA CYS A 69 7.45 -5.92 -21.04
C CYS A 69 6.01 -6.25 -21.43
N ASP A 70 5.62 -7.50 -21.20
CA ASP A 70 4.27 -7.99 -21.56
C ASP A 70 3.14 -7.57 -20.64
N VAL A 71 3.32 -7.81 -19.35
CA VAL A 71 2.28 -7.43 -18.40
C VAL A 71 2.80 -6.57 -17.26
N ALA A 72 2.03 -5.56 -16.94
CA ALA A 72 2.41 -4.68 -15.88
C ALA A 72 1.27 -4.50 -14.91
N ARG A 73 1.61 -4.38 -13.65
CA ARG A 73 0.63 -4.16 -12.61
C ARG A 73 1.16 -3.07 -11.68
N VAL A 74 0.24 -2.38 -11.04
CA VAL A 74 0.59 -1.36 -10.06
C VAL A 74 0.42 -2.03 -8.69
N THR A 75 1.34 -1.75 -7.77
CA THR A 75 1.29 -2.33 -6.43
C THR A 75 1.38 -1.26 -5.34
N ASN A 76 1.28 -1.65 -4.08
CA ASN A 76 1.37 -0.67 -3.01
C ASN A 76 2.82 -0.49 -2.64
N GLY A 77 3.66 -0.32 -3.64
CA GLY A 77 5.07 -0.13 -3.36
C GLY A 77 5.96 -1.17 -4.00
N ALA A 78 7.17 -0.77 -4.30
CA ALA A 78 8.11 -1.68 -4.92
C ALA A 78 8.38 -2.93 -4.08
N ARG A 79 8.40 -2.79 -2.76
CA ARG A 79 8.69 -3.95 -1.90
C ARG A 79 7.52 -4.97 -1.93
N GLU A 80 6.30 -4.49 -2.19
CA GLU A 80 5.13 -5.35 -2.28
C GLU A 80 5.20 -6.10 -3.60
N ALA A 81 5.70 -5.44 -4.63
CA ALA A 81 5.84 -6.08 -5.94
C ALA A 81 6.86 -7.21 -5.80
N LYS A 82 7.96 -6.92 -5.10
CA LYS A 82 9.00 -7.91 -4.91
C LYS A 82 8.48 -9.09 -4.09
N PHE A 83 7.77 -8.79 -3.00
CA PHE A 83 7.26 -9.85 -2.17
C PHE A 83 6.27 -10.67 -2.97
N ALA A 84 5.48 -10.00 -3.80
CA ALA A 84 4.48 -10.72 -4.57
C ALA A 84 5.13 -11.81 -5.44
N VAL A 85 6.27 -11.52 -6.08
CA VAL A 85 6.87 -12.55 -6.91
C VAL A 85 7.65 -13.56 -6.07
N MET A 86 8.34 -13.11 -5.03
CA MET A 86 9.06 -14.06 -4.22
C MET A 86 8.09 -15.11 -3.67
N HIS A 87 7.01 -14.63 -3.07
CA HIS A 87 6.01 -15.49 -2.48
C HIS A 87 5.34 -16.44 -3.50
N SER A 88 5.21 -15.97 -4.74
CA SER A 88 4.63 -16.77 -5.82
C SER A 88 5.56 -17.89 -6.31
N LEU A 89 6.86 -17.74 -6.05
CA LEU A 89 7.85 -18.70 -6.50
C LEU A 89 8.50 -19.49 -5.40
N ALA A 90 8.25 -19.09 -4.16
CA ALA A 90 8.87 -19.78 -3.04
C ALA A 90 8.39 -21.21 -2.90
N LYS A 91 9.24 -22.02 -2.28
CA LYS A 91 8.95 -23.43 -2.03
C LYS A 91 9.67 -23.73 -0.75
N LYS A 92 9.21 -24.77 -0.06
CA LYS A 92 9.80 -25.17 1.20
C LYS A 92 11.32 -25.18 1.12
N ASP A 93 11.95 -24.33 1.92
CA ASP A 93 13.41 -24.22 1.96
C ASP A 93 14.15 -23.82 0.70
N ALA A 94 13.45 -23.32 -0.31
CA ALA A 94 14.11 -22.89 -1.52
C ALA A 94 15.03 -21.70 -1.20
N TRP A 95 15.81 -21.27 -2.17
CA TRP A 95 16.72 -20.15 -1.96
C TRP A 95 16.53 -19.04 -2.96
N VAL A 96 16.97 -17.86 -2.56
CA VAL A 96 16.92 -16.70 -3.43
C VAL A 96 18.34 -16.13 -3.37
N VAL A 97 18.88 -15.72 -4.52
CA VAL A 97 20.22 -15.11 -4.48
C VAL A 97 20.02 -13.68 -4.90
N MET A 98 20.50 -12.78 -4.06
CA MET A 98 20.38 -11.36 -4.35
C MET A 98 21.72 -10.71 -4.06
N ASP A 99 22.04 -9.64 -4.79
CA ASP A 99 23.30 -8.96 -4.58
C ASP A 99 23.45 -8.35 -3.18
N GLU A 100 24.69 -8.32 -2.73
CA GLU A 100 25.05 -7.76 -1.43
C GLU A 100 24.68 -6.27 -1.28
N ASN A 101 24.49 -5.56 -2.38
CA ASN A 101 24.16 -4.13 -2.28
C ASN A 101 22.64 -3.93 -2.23
N CYS A 102 21.90 -5.04 -2.11
CA CYS A 102 20.45 -4.95 -2.09
C CYS A 102 19.81 -4.07 -1.02
N HIS A 103 18.56 -3.72 -1.31
CA HIS A 103 17.79 -2.92 -0.40
C HIS A 103 17.31 -3.79 0.79
N TYR A 104 17.38 -3.27 2.03
CA TYR A 104 16.91 -4.06 3.17
C TYR A 104 15.50 -4.61 2.89
N SER A 105 14.71 -3.91 2.09
CA SER A 105 13.38 -4.41 1.80
C SER A 105 13.45 -5.66 0.94
N SER A 106 14.47 -5.76 0.07
CA SER A 106 14.59 -6.96 -0.76
C SER A 106 14.82 -8.16 0.18
N TYR A 107 15.62 -7.96 1.21
CA TYR A 107 15.96 -8.99 2.17
C TYR A 107 14.77 -9.37 3.09
N VAL A 108 14.11 -8.37 3.68
CA VAL A 108 12.98 -8.66 4.53
C VAL A 108 11.88 -9.31 3.67
N ALA A 109 11.70 -8.82 2.46
CA ALA A 109 10.67 -9.40 1.62
C ALA A 109 10.95 -10.90 1.44
N ALA A 110 12.23 -11.24 1.36
CA ALA A 110 12.68 -12.62 1.19
C ALA A 110 12.40 -13.41 2.46
N GLU A 111 12.66 -12.79 3.61
CA GLU A 111 12.40 -13.43 4.87
C GLU A 111 10.89 -13.69 5.01
N ARG A 112 10.09 -12.73 4.57
CA ARG A 112 8.65 -12.89 4.68
C ARG A 112 8.15 -14.01 3.78
N ALA A 113 8.79 -14.17 2.61
CA ALA A 113 8.39 -15.22 1.69
C ALA A 113 8.95 -16.56 2.17
N GLY A 114 9.71 -16.52 3.26
CA GLY A 114 10.30 -17.72 3.83
C GLY A 114 11.47 -18.36 3.10
N LEU A 115 12.07 -17.62 2.17
CA LEU A 115 13.20 -18.09 1.40
C LEU A 115 14.52 -18.00 2.15
N ASN A 116 15.45 -18.85 1.76
CA ASN A 116 16.78 -18.83 2.34
C ASN A 116 17.50 -17.76 1.51
N ILE A 117 18.37 -16.98 2.14
CA ILE A 117 19.03 -15.92 1.39
C ILE A 117 20.56 -15.97 1.21
N ALA A 118 20.95 -15.99 -0.07
CA ALA A 118 22.35 -15.98 -0.48
C ALA A 118 22.71 -14.63 -1.13
N LEU A 119 23.73 -13.97 -0.58
CA LEU A 119 24.19 -12.69 -1.08
C LEU A 119 25.48 -12.76 -1.91
N VAL A 120 25.40 -12.35 -3.18
CA VAL A 120 26.59 -12.33 -4.02
C VAL A 120 27.44 -11.14 -3.57
N PRO A 121 28.68 -11.40 -3.12
CA PRO A 121 29.65 -10.41 -2.64
C PRO A 121 29.95 -9.29 -3.64
N LYS A 122 30.39 -8.16 -3.12
CA LYS A 122 30.69 -7.03 -3.97
C LYS A 122 32.18 -6.83 -4.11
N THR A 123 32.58 -6.19 -5.21
CA THR A 123 33.99 -5.89 -5.46
C THR A 123 34.49 -5.04 -4.31
N ASP A 124 35.77 -5.07 -4.07
CA ASP A 124 36.30 -4.31 -2.97
C ASP A 124 36.38 -2.81 -3.20
N TYR A 125 36.57 -2.05 -2.11
CA TYR A 125 36.71 -0.60 -2.18
C TYR A 125 37.68 -0.22 -3.29
N PRO A 126 37.34 0.83 -4.07
CA PRO A 126 36.13 1.63 -3.89
C PRO A 126 35.07 1.34 -4.96
N ASP A 127 35.21 0.22 -5.66
CA ASP A 127 34.26 -0.15 -6.71
C ASP A 127 32.94 -0.61 -6.11
N TYR A 128 33.03 -1.57 -5.20
CA TYR A 128 31.86 -2.13 -4.53
C TYR A 128 30.88 -2.58 -5.57
N ALA A 129 31.33 -3.36 -6.54
CA ALA A 129 30.42 -3.77 -7.59
C ALA A 129 30.00 -5.24 -7.60
N ILE A 130 28.90 -5.50 -8.30
CA ILE A 130 28.39 -6.84 -8.42
C ILE A 130 28.71 -7.27 -9.82
N THR A 131 29.71 -8.15 -9.93
CA THR A 131 30.19 -8.64 -11.22
C THR A 131 29.41 -9.85 -11.70
N PRO A 132 29.18 -9.92 -13.02
CA PRO A 132 28.45 -11.06 -13.57
C PRO A 132 29.12 -12.40 -13.22
N GLU A 133 30.30 -12.32 -12.60
CA GLU A 133 31.06 -13.51 -12.22
C GLU A 133 30.77 -13.88 -10.77
N ASN A 134 31.11 -12.98 -9.85
CA ASN A 134 30.86 -13.22 -8.44
C ASN A 134 29.41 -13.68 -8.28
N PHE A 135 28.53 -13.09 -9.08
CA PHE A 135 27.11 -13.42 -9.05
C PHE A 135 26.91 -14.88 -9.43
N ALA A 136 27.38 -15.23 -10.62
CA ALA A 136 27.28 -16.58 -11.18
C ALA A 136 27.96 -17.62 -10.29
N GLN A 137 29.01 -17.24 -9.57
CA GLN A 137 29.66 -18.19 -8.68
C GLN A 137 28.70 -18.42 -7.53
N THR A 138 28.34 -17.33 -6.84
CA THR A 138 27.42 -17.40 -5.71
C THR A 138 26.18 -18.25 -6.08
N ILE A 139 25.66 -18.11 -7.30
CA ILE A 139 24.52 -18.92 -7.68
C ILE A 139 24.89 -20.39 -7.55
N GLU A 140 25.98 -20.76 -8.21
CA GLU A 140 26.47 -22.12 -8.20
C GLU A 140 26.76 -22.65 -6.79
N GLU A 141 27.57 -21.92 -6.02
CA GLU A 141 27.92 -22.35 -4.65
C GLU A 141 26.72 -22.47 -3.73
N THR A 142 25.58 -22.02 -4.22
CA THR A 142 24.34 -22.04 -3.46
C THR A 142 23.38 -23.06 -4.04
N LYS A 143 23.47 -23.31 -5.34
CA LYS A 143 22.63 -24.33 -5.95
C LYS A 143 23.04 -25.66 -5.28
N LYS A 144 24.06 -25.59 -4.42
CA LYS A 144 24.59 -26.73 -3.68
C LYS A 144 23.97 -26.81 -2.29
N ARG A 145 23.23 -25.78 -1.90
CA ARG A 145 22.61 -25.76 -0.58
C ARG A 145 21.12 -26.10 -0.65
N GLY A 146 20.58 -26.13 -1.86
CA GLY A 146 19.17 -26.44 -2.05
C GLY A 146 18.65 -25.78 -3.31
N GLU A 147 17.35 -25.90 -3.57
CA GLU A 147 16.82 -25.31 -4.78
C GLU A 147 16.78 -23.78 -4.75
N VAL A 148 17.30 -23.15 -5.80
CA VAL A 148 17.27 -21.70 -5.87
C VAL A 148 16.21 -21.35 -6.91
N VAL A 149 15.11 -20.76 -6.44
CA VAL A 149 13.97 -20.39 -7.30
C VAL A 149 13.94 -18.96 -7.82
N LEU A 150 14.84 -18.11 -7.32
CA LEU A 150 14.84 -16.72 -7.74
C LEU A 150 16.18 -16.06 -7.46
N ALA A 151 16.46 -15.03 -8.24
CA ALA A 151 17.68 -14.24 -8.12
C ALA A 151 17.28 -12.79 -8.35
N LEU A 152 17.95 -11.85 -7.69
CA LEU A 152 17.61 -10.46 -7.92
C LEU A 152 18.81 -9.51 -7.83
N ILE A 153 18.87 -8.54 -8.77
CA ILE A 153 19.93 -7.52 -8.73
C ILE A 153 19.24 -6.20 -8.55
N THR A 154 19.85 -5.34 -7.76
CA THR A 154 19.28 -4.02 -7.55
C THR A 154 20.00 -3.16 -8.62
N TYR A 155 19.21 -2.37 -9.35
CA TYR A 155 19.75 -1.61 -10.44
C TYR A 155 19.18 -0.20 -10.57
N PRO A 156 19.89 0.81 -10.06
CA PRO A 156 21.18 0.70 -9.37
C PRO A 156 20.88 0.35 -7.93
N ASP A 157 21.92 0.24 -7.11
CA ASP A 157 21.73 -0.07 -5.70
C ASP A 157 21.58 1.25 -4.95
N GLY A 158 20.87 1.22 -3.82
CA GLY A 158 20.62 2.43 -3.06
C GLY A 158 21.74 2.92 -2.20
N ASN A 159 22.81 2.15 -2.05
CA ASN A 159 23.93 2.59 -1.22
C ASN A 159 24.92 3.49 -1.97
N TYR A 160 25.28 3.08 -3.19
CA TYR A 160 26.26 3.78 -4.02
C TYR A 160 25.76 4.31 -5.36
N GLY A 161 24.65 3.79 -5.82
CA GLY A 161 24.16 4.24 -7.09
C GLY A 161 24.97 3.56 -8.18
N ASN A 162 25.56 2.39 -7.88
CA ASN A 162 26.30 1.69 -8.93
C ASN A 162 25.30 0.94 -9.76
N LEU A 163 25.54 0.91 -11.07
CA LEU A 163 24.70 0.19 -12.01
C LEU A 163 25.43 -1.07 -12.41
N PRO A 164 25.06 -2.23 -11.86
CA PRO A 164 25.78 -3.44 -12.27
C PRO A 164 25.42 -3.77 -13.73
N ASP A 165 26.07 -4.79 -14.29
CA ASP A 165 25.84 -5.19 -15.69
C ASP A 165 24.69 -6.19 -15.82
N VAL A 166 23.47 -5.68 -15.82
CA VAL A 166 22.29 -6.53 -15.89
C VAL A 166 22.10 -7.36 -17.14
N LYS A 167 22.29 -6.75 -18.30
CA LYS A 167 22.15 -7.48 -19.57
C LYS A 167 22.97 -8.76 -19.40
N LYS A 168 24.16 -8.62 -18.82
CA LYS A 168 25.08 -9.73 -18.59
C LYS A 168 24.55 -10.72 -17.54
N ILE A 169 24.18 -10.19 -16.38
CA ILE A 169 23.65 -11.00 -15.30
C ILE A 169 22.34 -11.70 -15.70
N ALA A 170 21.53 -11.06 -16.55
CA ALA A 170 20.31 -11.70 -17.00
C ALA A 170 20.64 -12.98 -17.78
N LYS A 171 21.82 -13.01 -18.42
CA LYS A 171 22.26 -14.19 -19.19
C LYS A 171 22.75 -15.25 -18.20
N VAL A 172 23.62 -14.85 -17.30
CA VAL A 172 24.14 -15.76 -16.29
C VAL A 172 23.00 -16.49 -15.59
N CYS A 173 21.81 -15.90 -15.60
CA CYS A 173 20.65 -16.50 -14.96
C CYS A 173 19.86 -17.31 -15.98
N SER A 174 19.67 -16.74 -17.16
CA SER A 174 18.94 -17.42 -18.21
C SER A 174 19.61 -18.76 -18.52
N GLU A 175 20.91 -18.84 -18.24
CA GLU A 175 21.68 -20.05 -18.48
C GLU A 175 22.01 -20.73 -17.16
N TYR A 176 20.99 -20.86 -16.33
CA TYR A 176 21.11 -21.51 -15.02
C TYR A 176 19.65 -21.77 -14.68
N ASP A 177 18.81 -21.34 -15.61
CA ASP A 177 17.36 -21.45 -15.52
C ASP A 177 16.68 -20.83 -14.28
N VAL A 178 17.35 -19.88 -13.61
CA VAL A 178 16.74 -19.22 -12.45
C VAL A 178 16.05 -17.93 -12.90
N PRO A 179 14.87 -17.65 -12.35
CA PRO A 179 14.24 -16.41 -12.80
C PRO A 179 14.95 -15.22 -12.18
N LEU A 180 15.03 -14.12 -12.91
CA LEU A 180 15.69 -12.94 -12.37
C LEU A 180 14.75 -11.76 -12.24
N LEU A 181 14.72 -11.19 -11.04
CA LEU A 181 13.91 -10.01 -10.74
C LEU A 181 14.90 -8.82 -10.74
N VAL A 182 14.53 -7.76 -11.45
CA VAL A 182 15.35 -6.56 -11.47
C VAL A 182 14.65 -5.51 -10.58
N ASN A 183 15.34 -5.11 -9.52
CA ASN A 183 14.83 -4.10 -8.62
C ASN A 183 15.31 -2.76 -9.18
N GLY A 184 14.43 -2.08 -9.92
CA GLY A 184 14.81 -0.81 -10.53
C GLY A 184 14.13 0.36 -9.85
N ALA A 185 14.12 0.34 -8.53
CA ALA A 185 13.48 1.43 -7.80
C ALA A 185 14.14 2.76 -8.16
N TYR A 186 15.45 2.72 -8.38
CA TYR A 186 16.18 3.93 -8.72
C TYR A 186 16.43 4.05 -10.20
N ALA A 187 15.72 3.27 -11.00
CA ALA A 187 15.93 3.33 -12.44
C ALA A 187 14.69 3.77 -13.19
N ILE A 188 13.60 3.06 -12.95
CA ILE A 188 12.37 3.36 -13.63
C ILE A 188 11.81 4.73 -13.32
N GLY A 189 11.74 5.57 -14.36
CA GLY A 189 11.24 6.94 -14.22
C GLY A 189 12.41 7.93 -14.22
N ARG A 190 13.62 7.39 -14.25
CA ARG A 190 14.83 8.21 -14.24
C ARG A 190 15.59 8.01 -15.54
N MET A 191 15.88 6.75 -15.81
CA MET A 191 16.61 6.39 -16.99
C MET A 191 15.79 5.38 -17.78
N PRO A 192 16.07 5.26 -19.07
CA PRO A 192 15.33 4.29 -19.90
C PRO A 192 15.66 2.84 -19.54
N VAL A 193 14.63 2.01 -19.47
CA VAL A 193 14.80 0.57 -19.18
C VAL A 193 13.77 -0.25 -19.95
N SER A 194 14.18 -1.47 -20.27
CA SER A 194 13.34 -2.38 -20.98
C SER A 194 13.60 -3.74 -20.40
N LEU A 195 12.55 -4.38 -19.92
CA LEU A 195 12.72 -5.70 -19.37
C LEU A 195 13.28 -6.58 -20.49
N LYS A 196 12.64 -6.52 -21.67
CA LYS A 196 13.10 -7.34 -22.77
C LYS A 196 14.54 -6.98 -23.18
N GLU A 197 14.85 -5.70 -23.32
CA GLU A 197 16.23 -5.33 -23.65
C GLU A 197 17.22 -5.91 -22.64
N ILE A 198 16.81 -6.03 -21.39
CA ILE A 198 17.67 -6.57 -20.33
C ILE A 198 17.72 -8.11 -20.35
N GLY A 199 16.61 -8.73 -20.70
CA GLY A 199 16.53 -10.18 -20.73
C GLY A 199 16.30 -10.82 -19.38
N ALA A 200 15.45 -10.19 -18.56
CA ALA A 200 15.13 -10.69 -17.23
C ALA A 200 13.66 -11.05 -17.15
N ASP A 201 13.28 -11.77 -16.09
CA ASP A 201 11.88 -12.19 -15.92
C ASP A 201 10.96 -11.13 -15.33
N PHE A 202 11.45 -10.43 -14.29
CA PHE A 202 10.68 -9.40 -13.62
C PHE A 202 11.43 -8.07 -13.41
N ILE A 203 10.68 -6.98 -13.47
CA ILE A 203 11.27 -5.67 -13.24
C ILE A 203 10.34 -4.95 -12.24
N VAL A 204 10.92 -4.28 -11.25
CA VAL A 204 10.13 -3.54 -10.24
C VAL A 204 10.53 -2.04 -10.14
N GLY A 205 9.55 -1.16 -10.03
CA GLY A 205 9.86 0.24 -9.90
C GLY A 205 9.10 0.87 -8.75
N SER A 206 9.55 2.05 -8.29
CA SER A 206 8.94 2.78 -7.18
C SER A 206 8.37 4.12 -7.59
N GLY A 207 7.07 4.30 -7.43
CA GLY A 207 6.47 5.54 -7.83
C GLY A 207 6.92 6.75 -7.04
N HIS A 208 7.13 6.55 -5.75
CA HIS A 208 7.53 7.66 -4.90
C HIS A 208 9.01 7.96 -4.96
N LYS A 209 9.86 7.02 -5.34
CA LYS A 209 11.26 7.49 -5.37
C LYS A 209 11.70 7.88 -6.78
N SER A 210 11.02 7.42 -7.82
CA SER A 210 11.43 7.78 -9.18
C SER A 210 10.34 8.08 -10.19
N MET A 211 9.11 8.26 -9.76
CA MET A 211 8.07 8.53 -10.75
C MET A 211 7.17 9.68 -10.39
N ALA A 212 7.68 10.55 -9.53
CA ALA A 212 6.94 11.75 -9.15
C ALA A 212 5.52 11.49 -8.66
N ALA A 213 5.28 10.36 -8.01
CA ALA A 213 3.93 10.08 -7.49
C ALA A 213 3.94 10.10 -5.94
N SER A 214 2.78 10.04 -5.29
CA SER A 214 2.78 10.08 -3.82
C SER A 214 2.37 8.78 -3.15
N GLY A 215 2.22 8.83 -1.82
CA GLY A 215 1.82 7.68 -1.00
C GLY A 215 2.60 6.48 -1.46
N PRO A 216 2.33 5.26 -0.95
CA PRO A 216 3.10 4.09 -1.43
C PRO A 216 2.49 3.49 -2.69
N ILE A 217 3.32 3.36 -3.73
CA ILE A 217 2.88 2.80 -4.99
C ILE A 217 4.06 2.24 -5.77
N GLY A 218 3.87 1.09 -6.40
CA GLY A 218 4.96 0.51 -7.13
C GLY A 218 4.52 0.04 -8.48
N VAL A 219 5.48 -0.34 -9.30
CA VAL A 219 5.16 -0.85 -10.61
C VAL A 219 5.90 -2.15 -10.79
N MET A 220 5.25 -3.07 -11.47
CA MET A 220 5.83 -4.39 -11.67
C MET A 220 5.57 -4.88 -13.09
N GLY A 221 6.61 -5.38 -13.74
CA GLY A 221 6.47 -5.87 -15.11
C GLY A 221 7.08 -7.25 -15.22
N MET A 222 6.44 -8.12 -16.00
CA MET A 222 6.93 -9.49 -16.17
C MET A 222 6.66 -10.01 -17.58
N LYS A 223 7.28 -11.15 -17.92
CA LYS A 223 7.07 -11.81 -19.22
C LYS A 223 5.69 -12.49 -19.16
N GLU A 224 4.90 -12.37 -20.23
CA GLU A 224 3.56 -12.96 -20.31
C GLU A 224 3.43 -14.39 -19.78
N GLU A 225 4.56 -15.08 -19.64
CA GLU A 225 4.56 -16.45 -19.17
C GLU A 225 4.36 -16.57 -17.66
N TRP A 226 4.63 -15.50 -16.93
CA TRP A 226 4.50 -15.54 -15.48
C TRP A 226 3.16 -15.02 -14.98
N ALA A 227 2.43 -14.33 -15.84
CA ALA A 227 1.16 -13.79 -15.40
C ALA A 227 0.26 -14.91 -14.93
N GLU A 228 0.59 -16.14 -15.26
CA GLU A 228 -0.24 -17.27 -14.88
C GLU A 228 0.13 -17.76 -13.48
N ILE A 229 1.24 -17.27 -12.97
CA ILE A 229 1.71 -17.67 -11.64
C ILE A 229 1.55 -16.47 -10.71
N VAL A 230 2.46 -15.53 -10.85
CA VAL A 230 2.45 -14.32 -10.05
C VAL A 230 1.07 -13.64 -10.06
N LEU A 231 0.38 -13.69 -11.19
CA LEU A 231 -0.94 -13.07 -11.28
C LEU A 231 -2.09 -14.06 -11.34
N ARG A 232 -1.90 -15.23 -10.72
CA ARG A 232 -2.94 -16.25 -10.66
C ARG A 232 -4.21 -15.65 -10.05
N ARG A 233 -5.36 -16.14 -10.52
CA ARG A 233 -6.63 -15.63 -10.04
C ARG A 233 -7.18 -16.39 -8.86
N SER A 234 -8.21 -15.82 -8.23
CA SER A 234 -8.85 -16.46 -7.10
C SER A 234 -9.77 -17.58 -7.59
N GLU A 235 -9.83 -18.67 -6.83
CA GLU A 235 -10.70 -19.79 -7.17
C GLU A 235 -12.19 -19.42 -7.11
N LYS A 236 -12.55 -18.48 -6.22
CA LYS A 236 -13.93 -18.03 -6.04
C LYS A 236 -14.24 -16.74 -6.79
N TYR A 237 -13.28 -15.81 -6.78
CA TYR A 237 -13.48 -14.55 -7.48
C TYR A 237 -12.52 -14.55 -8.65
N LYS A 238 -12.87 -15.36 -9.65
CA LYS A 238 -12.06 -15.55 -10.85
C LYS A 238 -11.65 -14.27 -11.57
N ASN A 239 -12.16 -13.13 -11.10
CA ASN A 239 -11.82 -11.85 -11.68
C ASN A 239 -10.72 -11.14 -10.88
N LYS A 240 -10.44 -11.63 -9.68
CA LYS A 240 -9.46 -11.01 -8.80
C LYS A 240 -8.11 -11.73 -8.82
N GLU A 241 -7.02 -10.99 -8.55
CA GLU A 241 -5.67 -11.56 -8.51
C GLU A 241 -5.18 -11.76 -7.08
N VAL A 242 -4.98 -13.03 -6.73
CA VAL A 242 -4.55 -13.43 -5.41
C VAL A 242 -3.40 -12.65 -4.81
N GLU A 243 -2.37 -12.45 -5.58
CA GLU A 243 -1.21 -11.78 -5.05
C GLU A 243 -1.36 -10.27 -4.83
N LEU A 244 -2.35 -9.65 -5.44
CA LEU A 244 -2.55 -8.22 -5.22
C LEU A 244 -3.79 -8.03 -4.37
N LEU A 245 -4.21 -9.09 -3.68
CA LEU A 245 -5.41 -9.08 -2.84
C LEU A 245 -6.61 -8.40 -3.51
N GLY A 246 -6.73 -8.61 -4.82
CA GLY A 246 -7.83 -8.07 -5.61
C GLY A 246 -7.86 -6.56 -5.63
N CYS A 247 -6.78 -5.97 -5.13
CA CYS A 247 -6.63 -4.53 -5.05
C CYS A 247 -6.56 -3.94 -6.44
N THR A 248 -7.40 -2.95 -6.68
CA THR A 248 -7.40 -2.22 -7.95
C THR A 248 -6.65 -0.92 -7.56
N ALA A 249 -6.19 -0.94 -6.31
CA ALA A 249 -5.41 0.11 -5.62
C ALA A 249 -5.64 1.59 -5.92
N ARG A 250 -6.88 2.01 -6.19
CA ARG A 250 -7.14 3.43 -6.47
C ARG A 250 -7.05 4.32 -5.24
N GLY A 251 -6.77 5.59 -5.49
CA GLY A 251 -6.62 6.56 -4.42
C GLY A 251 -5.77 7.66 -5.03
N ALA A 252 -5.27 8.57 -4.21
CA ALA A 252 -4.44 9.64 -4.73
C ALA A 252 -3.16 9.07 -5.36
N THR A 253 -2.77 7.93 -4.85
CA THR A 253 -1.59 7.20 -5.27
C THR A 253 -1.53 6.93 -6.78
N ILE A 254 -2.54 6.25 -7.30
CA ILE A 254 -2.57 5.91 -8.71
C ILE A 254 -2.80 7.16 -9.53
N ILE A 255 -3.61 8.06 -8.99
CA ILE A 255 -3.89 9.31 -9.69
C ILE A 255 -2.59 10.05 -9.92
N THR A 256 -1.87 10.37 -8.85
CA THR A 256 -0.60 11.08 -9.00
C THR A 256 0.38 10.35 -9.93
N LEU A 257 0.45 9.03 -9.84
CA LEU A 257 1.36 8.30 -10.72
C LEU A 257 1.04 8.61 -12.17
N MET A 258 -0.26 8.50 -12.48
CA MET A 258 -0.75 8.75 -13.83
C MET A 258 -0.56 10.20 -14.26
N ALA A 259 -1.01 11.15 -13.43
CA ALA A 259 -0.88 12.57 -13.72
C ALA A 259 0.55 12.91 -14.11
N SER A 260 1.52 12.35 -13.40
CA SER A 260 2.92 12.63 -13.67
C SER A 260 3.55 11.80 -14.74
N PHE A 261 2.90 10.71 -15.12
CA PHE A 261 3.48 9.83 -16.13
C PHE A 261 3.96 10.48 -17.44
N PRO A 262 3.16 11.39 -18.03
CA PRO A 262 3.57 12.03 -19.28
C PRO A 262 4.92 12.73 -19.08
N HIS A 263 4.99 13.51 -18.01
CA HIS A 263 6.22 14.21 -17.69
C HIS A 263 7.35 13.24 -17.37
N VAL A 264 7.03 12.12 -16.73
CA VAL A 264 8.06 11.15 -16.39
C VAL A 264 8.60 10.49 -17.63
N ARG A 265 7.71 10.21 -18.59
CA ARG A 265 8.11 9.60 -19.86
C ARG A 265 9.10 10.52 -20.56
N GLU A 266 8.74 11.80 -20.67
CA GLU A 266 9.58 12.79 -21.31
C GLU A 266 10.91 12.86 -20.55
N ARG A 267 10.78 13.10 -19.25
CA ARG A 267 11.90 13.25 -18.32
C ARG A 267 13.09 12.31 -18.51
N ILE A 268 12.85 11.07 -18.90
CA ILE A 268 13.98 10.15 -19.05
C ILE A 268 14.83 10.46 -20.25
N LYS A 269 14.31 11.31 -21.12
CA LYS A 269 15.07 11.68 -22.33
C LYS A 269 16.19 12.63 -21.95
N ARG A 270 16.32 12.92 -20.66
CA ARG A 270 17.35 13.82 -20.19
C ARG A 270 18.32 13.10 -19.28
N TRP A 271 18.18 11.79 -19.18
CA TRP A 271 19.06 11.02 -18.30
C TRP A 271 20.54 11.33 -18.54
N ASP A 272 20.97 11.41 -19.80
CA ASP A 272 22.39 11.69 -20.06
C ASP A 272 22.83 12.99 -19.43
N GLU A 273 21.97 14.00 -19.46
CA GLU A 273 22.32 15.27 -18.82
C GLU A 273 22.53 15.05 -17.33
N GLU A 274 21.54 14.41 -16.72
CA GLU A 274 21.57 14.11 -15.29
C GLU A 274 22.88 13.46 -14.88
N VAL A 275 23.32 12.47 -15.66
CA VAL A 275 24.58 11.80 -15.31
C VAL A 275 25.80 12.68 -15.54
N GLU A 276 25.75 13.53 -16.55
CA GLU A 276 26.89 14.42 -16.78
C GLU A 276 26.97 15.36 -15.60
N LYS A 277 25.80 15.85 -15.16
CA LYS A 277 25.69 16.78 -14.05
C LYS A 277 26.20 16.16 -12.76
N ALA A 278 25.92 14.87 -12.57
CA ALA A 278 26.41 14.22 -11.38
C ALA A 278 27.94 14.08 -11.48
N ARG A 279 28.44 13.64 -12.65
CA ARG A 279 29.88 13.46 -12.85
C ARG A 279 30.68 14.72 -12.56
N ARG A 280 30.12 15.85 -12.97
CA ARG A 280 30.71 17.17 -12.78
C ARG A 280 30.82 17.44 -11.30
N PHE A 281 29.69 17.29 -10.63
CA PHE A 281 29.60 17.52 -9.20
C PHE A 281 30.61 16.71 -8.37
N ALA A 282 30.78 15.44 -8.70
CA ALA A 282 31.71 14.57 -7.98
C ALA A 282 33.13 15.04 -8.20
N ALA A 283 33.39 15.53 -9.39
CA ALA A 283 34.71 16.03 -9.73
C ALA A 283 35.04 17.24 -8.87
N GLU A 284 34.04 18.07 -8.56
CA GLU A 284 34.24 19.24 -7.73
C GLU A 284 34.52 18.79 -6.31
N MET A 285 33.71 17.85 -5.84
CA MET A 285 33.89 17.32 -4.50
C MET A 285 35.30 16.72 -4.43
N GLU A 286 35.73 16.08 -5.52
CA GLU A 286 37.05 15.49 -5.60
C GLU A 286 38.08 16.55 -5.21
N LYS A 287 38.04 17.68 -5.91
CA LYS A 287 38.95 18.77 -5.64
C LYS A 287 38.85 19.20 -4.17
N LEU A 288 37.63 19.31 -3.64
CA LEU A 288 37.44 19.71 -2.23
C LEU A 288 37.89 18.67 -1.20
N GLY A 289 38.35 17.50 -1.64
CA GLY A 289 38.77 16.49 -0.67
C GLY A 289 37.82 15.32 -0.41
N ILE A 290 36.51 15.52 -0.60
CA ILE A 290 35.55 14.44 -0.40
C ILE A 290 35.45 13.58 -1.69
N LYS A 291 35.69 12.27 -1.56
CA LYS A 291 35.72 11.36 -2.72
C LYS A 291 34.52 10.46 -3.04
N GLN A 292 34.12 10.45 -4.30
CA GLN A 292 33.00 9.64 -4.75
C GLN A 292 33.44 8.17 -4.92
N LEU A 293 32.65 7.25 -4.39
CA LEU A 293 32.97 5.82 -4.46
C LEU A 293 32.04 5.07 -5.43
N GLY A 294 32.41 3.84 -5.76
CA GLY A 294 31.60 3.07 -6.68
C GLY A 294 31.97 3.43 -8.10
N ASP A 295 31.07 3.15 -9.04
CA ASP A 295 31.28 3.44 -10.46
C ASP A 295 32.05 4.72 -10.75
N ASN A 296 33.11 4.60 -11.54
CA ASN A 296 33.92 5.75 -11.91
C ASN A 296 34.31 5.66 -13.38
N PRO A 297 33.78 6.56 -14.24
CA PRO A 297 32.85 7.64 -13.91
C PRO A 297 31.55 7.02 -13.38
N HIS A 298 30.85 7.76 -12.54
CA HIS A 298 29.60 7.26 -11.99
C HIS A 298 28.53 7.28 -13.09
N ASN A 299 27.51 6.45 -12.98
CA ASN A 299 26.48 6.43 -14.01
C ASN A 299 25.08 6.60 -13.52
N HIS A 300 24.93 7.31 -12.42
CA HIS A 300 23.63 7.54 -11.82
C HIS A 300 23.74 8.83 -10.99
N ASP A 301 22.61 9.45 -10.68
CA ASP A 301 22.60 10.67 -9.89
C ASP A 301 22.87 10.45 -8.40
N LEU A 302 22.74 9.21 -7.93
CA LEU A 302 22.95 8.88 -6.50
C LEU A 302 24.43 8.57 -6.25
N MET A 303 25.05 9.36 -5.39
CA MET A 303 26.47 9.20 -5.10
C MET A 303 26.87 9.03 -3.64
N PHE A 304 27.82 8.11 -3.41
CA PHE A 304 28.27 7.84 -2.06
C PHE A 304 29.64 8.46 -1.86
N PHE A 305 29.75 9.35 -0.86
CA PHE A 305 30.99 10.05 -0.62
C PHE A 305 31.76 9.78 0.67
N HIS A 306 33.08 9.72 0.53
CA HIS A 306 34.02 9.52 1.63
C HIS A 306 34.67 10.88 1.95
N ALA A 307 34.10 11.62 2.90
CA ALA A 307 34.61 12.95 3.29
C ALA A 307 35.41 13.01 4.60
N GLU A 308 36.68 12.59 4.57
CA GLU A 308 37.50 12.63 5.78
C GLU A 308 37.69 14.03 6.35
N VAL A 309 38.01 14.99 5.48
CA VAL A 309 38.22 16.37 5.89
C VAL A 309 37.04 16.91 6.69
N LEU A 310 35.90 16.26 6.56
CA LEU A 310 34.71 16.72 7.25
C LEU A 310 34.56 15.96 8.56
N TYR A 311 34.99 14.71 8.55
CA TYR A 311 34.91 13.86 9.74
C TYR A 311 35.82 14.40 10.84
N GLU A 312 37.00 14.87 10.45
CA GLU A 312 37.94 15.41 11.41
C GLU A 312 37.48 16.79 11.91
N ILE A 313 36.83 17.56 11.03
CA ILE A 313 36.32 18.85 11.43
C ILE A 313 35.18 18.65 12.43
N SER A 314 34.59 17.46 12.47
CA SER A 314 33.49 17.16 13.40
C SER A 314 34.02 16.88 14.79
N LYS A 315 35.29 16.54 14.87
CA LYS A 315 35.91 16.25 16.15
C LYS A 315 36.08 17.53 16.96
N LYS A 316 36.17 18.66 16.26
CA LYS A 316 36.35 19.97 16.90
C LYS A 316 35.20 20.94 16.64
N ALA A 317 34.30 20.57 15.74
CA ALA A 317 33.19 21.43 15.35
C ALA A 317 32.25 21.80 16.49
N LYS A 318 31.42 22.81 16.23
CA LYS A 318 30.45 23.31 17.19
C LYS A 318 29.48 22.25 17.72
N GLY A 319 29.02 21.37 16.84
CA GLY A 319 28.09 20.34 17.25
C GLY A 319 28.61 18.95 16.93
N GLY A 320 29.89 18.88 16.57
CA GLY A 320 30.49 17.59 16.24
C GLY A 320 29.83 16.95 15.04
N ARG A 321 29.40 15.71 15.21
CA ARG A 321 28.73 14.96 14.16
C ARG A 321 27.61 15.76 13.47
N PHE A 322 26.90 16.56 14.26
CA PHE A 322 25.79 17.34 13.73
C PHE A 322 26.15 18.71 13.17
N PHE A 323 27.44 18.99 13.04
CA PHE A 323 27.83 20.29 12.52
C PHE A 323 27.45 20.40 11.05
N LEU A 324 27.80 19.36 10.28
CA LEU A 324 27.50 19.35 8.86
C LEU A 324 26.03 19.69 8.67
N TYR A 325 25.15 18.99 9.39
CA TYR A 325 23.74 19.27 9.23
C TYR A 325 23.43 20.74 9.50
N ARG A 326 23.65 21.16 10.74
CA ARG A 326 23.38 22.53 11.15
C ARG A 326 23.82 23.50 10.06
N GLU A 327 25.08 23.36 9.64
CA GLU A 327 25.67 24.20 8.61
C GLU A 327 24.82 24.27 7.34
N LEU A 328 24.43 23.11 6.81
CA LEU A 328 23.63 23.06 5.61
C LEU A 328 22.22 23.55 5.86
N LYS A 329 21.65 23.18 7.00
CA LYS A 329 20.31 23.61 7.33
C LYS A 329 20.33 25.13 7.22
N SER A 330 21.38 25.74 7.79
CA SER A 330 21.51 27.20 7.75
C SER A 330 21.57 27.70 6.32
N ARG A 331 22.32 27.01 5.47
CA ARG A 331 22.46 27.41 4.06
C ARG A 331 21.32 26.93 3.17
N LYS A 332 20.13 26.75 3.73
CA LYS A 332 18.97 26.31 2.95
C LYS A 332 19.19 24.96 2.24
N ILE A 333 20.03 24.11 2.82
CA ILE A 333 20.29 22.82 2.18
C ILE A 333 19.96 21.60 3.07
N HIS A 334 18.97 20.81 2.62
CA HIS A 334 18.56 19.62 3.35
C HIS A 334 18.81 18.40 2.46
N GLY A 335 19.02 17.23 3.08
CA GLY A 335 19.21 16.03 2.28
C GLY A 335 20.17 14.96 2.77
N ILE A 336 21.02 15.28 3.74
CA ILE A 336 21.96 14.28 4.28
C ILE A 336 21.59 13.94 5.71
N LYS A 337 21.65 12.66 6.05
CA LYS A 337 21.31 12.21 7.41
C LYS A 337 22.17 12.93 8.45
N PRO A 338 21.54 13.79 9.28
CA PRO A 338 22.22 14.56 10.33
C PRO A 338 22.99 13.67 11.27
N GLY A 339 24.30 13.92 11.38
CA GLY A 339 25.13 13.09 12.23
C GLY A 339 26.20 12.37 11.43
N LEU A 340 26.07 12.39 10.10
CA LEU A 340 27.03 11.76 9.20
C LEU A 340 28.03 12.80 8.71
N THR A 341 29.30 12.41 8.59
CA THR A 341 30.34 13.33 8.14
C THR A 341 31.45 12.60 7.40
N ARG A 342 31.84 11.44 7.92
CA ARG A 342 32.91 10.64 7.32
C ARG A 342 32.42 10.01 6.01
N TYR A 343 31.15 9.62 5.98
CA TYR A 343 30.54 9.02 4.79
C TYR A 343 29.07 9.39 4.71
N PHE A 344 28.56 9.51 3.49
CA PHE A 344 27.15 9.83 3.27
C PHE A 344 26.81 9.82 1.78
N LYS A 345 25.52 9.70 1.49
CA LYS A 345 25.06 9.66 0.11
C LYS A 345 24.14 10.83 -0.16
N LEU A 346 24.01 11.17 -1.44
CA LEU A 346 23.15 12.28 -1.83
C LEU A 346 22.81 12.14 -3.32
N SER A 347 21.86 12.95 -3.79
CA SER A 347 21.46 12.88 -5.19
C SER A 347 21.40 14.26 -5.83
N THR A 348 21.87 14.37 -7.06
CA THR A 348 21.83 15.64 -7.77
C THR A 348 20.66 15.68 -8.75
N TYR A 349 19.88 14.60 -8.77
CA TYR A 349 18.79 14.48 -9.73
C TYR A 349 18.07 15.67 -10.36
N GLY A 350 17.26 16.42 -9.66
CA GLY A 350 16.60 17.48 -10.43
C GLY A 350 17.20 18.87 -10.30
N LEU A 351 18.41 18.93 -9.77
CA LEU A 351 19.05 20.19 -9.55
C LEU A 351 19.41 20.96 -10.80
N SER A 352 19.16 22.26 -10.75
CA SER A 352 19.52 23.15 -11.84
C SER A 352 21.01 23.35 -11.65
N ASP A 353 21.68 23.86 -12.69
CA ASP A 353 23.13 24.08 -12.59
C ASP A 353 23.50 25.08 -11.50
N GLU A 354 22.63 26.05 -11.23
CA GLU A 354 22.90 27.03 -10.19
C GLU A 354 22.83 26.31 -8.83
N GLU A 355 21.84 25.43 -8.67
CA GLU A 355 21.69 24.70 -7.42
C GLU A 355 22.82 23.74 -7.24
N VAL A 356 23.35 23.21 -8.33
CA VAL A 356 24.46 22.28 -8.21
C VAL A 356 25.67 23.07 -7.69
N ASP A 357 25.86 24.25 -8.26
CA ASP A 357 26.99 25.08 -7.87
C ASP A 357 26.88 25.58 -6.44
N TYR A 358 25.68 25.94 -6.04
CA TYR A 358 25.45 26.44 -4.70
C TYR A 358 25.83 25.46 -3.60
N VAL A 359 25.64 24.17 -3.88
CA VAL A 359 25.92 23.11 -2.94
C VAL A 359 27.43 22.84 -2.91
N LEU A 360 28.03 22.82 -4.09
CA LEU A 360 29.45 22.57 -4.18
C LEU A 360 30.15 23.66 -3.39
N ASN A 361 29.61 24.87 -3.52
CA ASN A 361 30.15 26.02 -2.85
C ASN A 361 29.94 26.01 -1.34
N ALA A 362 28.76 25.55 -0.91
CA ALA A 362 28.47 25.47 0.51
C ALA A 362 29.58 24.60 1.12
N PHE A 363 29.91 23.49 0.47
CA PHE A 363 30.96 22.64 0.97
C PHE A 363 32.30 23.35 0.96
N LYS A 364 32.58 24.13 -0.08
CA LYS A 364 33.86 24.83 -0.13
C LYS A 364 33.97 25.72 1.11
N GLU A 365 32.96 26.56 1.31
CA GLU A 365 32.91 27.45 2.45
C GLU A 365 33.07 26.74 3.79
N ILE A 366 32.15 25.84 4.09
CA ILE A 366 32.18 25.11 5.35
C ILE A 366 33.54 24.51 5.68
N ILE A 367 34.18 23.88 4.70
CA ILE A 367 35.49 23.30 4.93
C ILE A 367 36.47 24.41 5.32
N GLU A 368 36.49 25.47 4.52
CA GLU A 368 37.36 26.62 4.77
C GLU A 368 37.08 27.19 6.15
N LYS A 369 35.84 27.64 6.36
CA LYS A 369 35.43 28.19 7.65
C LYS A 369 36.13 27.47 8.82
N TYR A 370 35.94 26.16 8.92
CA TYR A 370 36.55 25.36 9.98
C TYR A 370 38.00 25.05 9.64
N SER A 371 38.89 25.95 10.04
CA SER A 371 40.33 25.85 9.81
C SER A 371 40.68 25.98 8.34
N ASP B 8 -20.78 20.23 -7.31
CA ASP B 8 -21.41 19.54 -6.16
C ASP B 8 -22.32 18.43 -6.61
N PHE B 9 -22.28 17.33 -5.86
CA PHE B 9 -23.06 16.13 -6.16
C PHE B 9 -23.29 15.49 -4.79
N ILE B 10 -24.50 15.04 -4.49
CA ILE B 10 -24.73 14.38 -3.20
C ILE B 10 -24.22 12.93 -3.31
N ASN B 11 -23.30 12.57 -2.41
CA ASN B 11 -22.69 11.24 -2.41
C ASN B 11 -23.31 10.26 -1.44
N ILE B 12 -23.74 9.13 -1.99
CA ILE B 12 -24.40 8.09 -1.21
C ILE B 12 -23.73 6.72 -1.40
N ASP B 13 -22.53 6.72 -2.00
CA ASP B 13 -21.72 5.51 -2.21
C ASP B 13 -21.13 5.05 -0.87
N PRO B 14 -21.35 3.78 -0.51
CA PRO B 14 -20.83 3.24 0.76
C PRO B 14 -19.31 3.26 0.90
N LEU B 15 -18.60 3.05 -0.19
CA LEU B 15 -17.14 3.02 -0.13
C LEU B 15 -16.59 4.40 0.24
N GLN B 16 -17.38 5.42 -0.03
CA GLN B 16 -16.92 6.78 0.18
C GLN B 16 -17.53 7.68 1.25
N THR B 17 -18.74 7.40 1.75
CA THR B 17 -19.31 8.34 2.71
C THR B 17 -18.47 8.59 3.97
N GLY B 18 -17.73 7.57 4.44
CA GLY B 18 -16.91 7.72 5.63
C GLY B 18 -15.46 8.05 5.32
N GLY B 19 -15.17 8.16 4.03
CA GLY B 19 -13.83 8.48 3.58
C GLY B 19 -13.65 9.91 3.06
N LYS B 20 -14.65 10.77 3.24
CA LYS B 20 -14.51 12.17 2.78
C LYS B 20 -13.26 12.73 3.44
N LEU B 21 -12.39 13.35 2.64
CA LEU B 21 -11.16 13.92 3.21
C LEU B 21 -11.53 15.09 4.12
N THR B 22 -10.92 15.11 5.29
CA THR B 22 -11.15 16.16 6.26
C THR B 22 -10.57 17.52 5.81
N GLU B 23 -11.04 18.59 6.44
CA GLU B 23 -10.60 19.95 6.13
C GLU B 23 -9.09 19.99 6.27
N GLU B 24 -8.63 19.65 7.47
CA GLU B 24 -7.22 19.60 7.83
C GLU B 24 -6.45 18.64 6.92
N ALA B 25 -7.10 17.56 6.48
CA ALA B 25 -6.45 16.57 5.63
C ALA B 25 -6.22 17.15 4.25
N ARG B 26 -7.19 17.92 3.78
CA ARG B 26 -7.08 18.54 2.46
C ARG B 26 -5.88 19.47 2.48
N GLN B 27 -5.93 20.42 3.41
CA GLN B 27 -4.88 21.41 3.60
C GLN B 27 -3.53 20.74 3.86
N ALA B 28 -3.51 19.77 4.77
CA ALA B 28 -2.28 19.07 5.09
C ALA B 28 -1.68 18.49 3.82
N LEU B 29 -2.55 17.92 3.00
CA LEU B 29 -2.12 17.32 1.76
C LEU B 29 -1.46 18.40 0.90
N LEU B 30 -1.74 19.66 1.23
CA LEU B 30 -1.15 20.79 0.51
C LEU B 30 0.34 20.86 0.84
N GLU B 31 0.63 21.54 1.96
CA GLU B 31 2.02 21.71 2.43
C GLU B 31 2.80 20.53 1.90
N TRP B 32 2.43 19.34 2.35
CA TRP B 32 3.10 18.15 1.88
C TRP B 32 3.01 18.13 0.35
N PRO B 53 6.75 14.76 11.55
CA PRO B 53 5.50 14.41 12.23
C PRO B 53 5.59 13.39 13.39
N PRO B 54 4.69 13.51 14.40
CA PRO B 54 4.56 12.69 15.62
C PRO B 54 3.93 11.33 15.32
N ILE B 55 4.41 10.72 14.25
CA ILE B 55 3.94 9.42 13.86
C ILE B 55 4.16 8.44 15.01
N HIS B 56 5.28 8.54 15.70
CA HIS B 56 5.52 7.60 16.78
C HIS B 56 4.44 7.69 17.86
N ASP B 57 4.04 8.92 18.20
CA ASP B 57 3.03 9.08 19.24
C ASP B 57 1.73 8.47 18.75
N PHE B 58 1.39 8.79 17.51
CA PHE B 58 0.19 8.26 16.92
C PHE B 58 0.07 6.75 17.03
N ILE B 59 1.04 6.00 16.50
CA ILE B 59 0.87 4.56 16.53
C ILE B 59 1.16 3.87 17.85
N HIS B 60 1.99 4.49 18.68
CA HIS B 60 2.33 3.86 19.94
C HIS B 60 1.41 4.24 21.06
N ASN B 61 0.77 5.40 20.95
CA ASN B 61 -0.14 5.84 22.00
C ASN B 61 -1.56 6.18 21.55
N GLN B 62 -1.74 7.00 20.52
CA GLN B 62 -3.09 7.38 20.12
C GLN B 62 -3.96 6.28 19.51
N LEU B 63 -3.43 5.63 18.48
CA LEU B 63 -4.15 4.59 17.79
C LEU B 63 -4.59 3.42 18.69
N PRO B 64 -3.69 2.88 19.52
CA PRO B 64 -4.07 1.75 20.39
C PRO B 64 -5.19 2.17 21.37
N LYS B 65 -5.15 3.43 21.79
CA LYS B 65 -6.15 3.95 22.69
C LYS B 65 -7.49 3.98 21.93
N PHE B 66 -7.47 4.49 20.70
CA PHE B 66 -8.66 4.58 19.87
C PHE B 66 -9.29 3.23 19.51
N LEU B 67 -8.49 2.17 19.49
CA LEU B 67 -8.99 0.85 19.10
C LEU B 67 -9.18 -0.03 20.29
N GLY B 68 -8.78 0.45 21.45
CA GLY B 68 -8.88 -0.36 22.66
C GLY B 68 -8.03 -1.62 22.61
N CYS B 69 -6.77 -1.51 22.16
CA CYS B 69 -5.90 -2.70 22.05
C CYS B 69 -4.49 -2.42 22.57
N ASP B 70 -3.70 -3.47 22.73
CA ASP B 70 -2.33 -3.35 23.24
C ASP B 70 -1.38 -2.71 22.24
N VAL B 71 -1.26 -3.33 21.08
CA VAL B 71 -0.38 -2.88 20.02
C VAL B 71 -1.17 -2.53 18.77
N ALA B 72 -0.73 -1.48 18.09
CA ALA B 72 -1.40 -1.05 16.88
C ALA B 72 -0.43 -0.65 15.79
N ARG B 73 -0.79 -0.92 14.53
CA ARG B 73 0.08 -0.55 13.43
C ARG B 73 -0.71 0.01 12.29
N VAL B 74 -0.02 0.77 11.45
CA VAL B 74 -0.60 1.32 10.24
C VAL B 74 -0.12 0.38 9.10
N THR B 75 -1.02 0.01 8.19
CA THR B 75 -0.69 -0.87 7.07
C THR B 75 -1.21 -0.25 5.77
N ASN B 76 -0.87 -0.85 4.64
CA ASN B 76 -1.33 -0.37 3.34
C ASN B 76 -2.75 -0.83 2.96
N GLY B 77 -3.69 -0.72 3.89
CA GLY B 77 -5.06 -1.13 3.60
C GLY B 77 -5.46 -2.26 4.53
N ALA B 78 -6.75 -2.33 4.83
CA ALA B 78 -7.23 -3.37 5.73
C ALA B 78 -6.87 -4.73 5.22
N ARG B 79 -6.92 -4.92 3.90
CA ARG B 79 -6.61 -6.24 3.38
C ARG B 79 -5.17 -6.64 3.64
N GLU B 80 -4.26 -5.68 3.63
CA GLU B 80 -2.87 -6.02 3.90
C GLU B 80 -2.75 -6.45 5.35
N ALA B 81 -3.50 -5.79 6.22
CA ALA B 81 -3.44 -6.11 7.63
C ALA B 81 -3.99 -7.55 7.84
N LYS B 82 -5.07 -7.87 7.12
CA LYS B 82 -5.67 -9.19 7.21
C LYS B 82 -4.71 -10.22 6.66
N PHE B 83 -4.10 -9.95 5.51
CA PHE B 83 -3.18 -10.93 5.01
C PHE B 83 -2.03 -11.11 5.99
N ALA B 84 -1.54 -10.01 6.55
CA ALA B 84 -0.43 -10.12 7.48
C ALA B 84 -0.67 -11.11 8.63
N VAL B 85 -1.85 -11.10 9.23
CA VAL B 85 -2.01 -12.05 10.33
C VAL B 85 -2.33 -13.45 9.81
N MET B 86 -3.05 -13.57 8.71
CA MET B 86 -3.33 -14.89 8.16
C MET B 86 -2.03 -15.57 7.83
N HIS B 87 -1.11 -14.82 7.25
CA HIS B 87 0.20 -15.33 6.89
C HIS B 87 1.02 -15.69 8.14
N SER B 88 0.90 -14.90 9.21
CA SER B 88 1.64 -15.19 10.42
C SER B 88 1.11 -16.41 11.19
N LEU B 89 -0.18 -16.72 11.05
CA LEU B 89 -0.76 -17.85 11.79
C LEU B 89 -0.90 -19.13 11.00
N ALA B 90 -0.77 -19.04 9.67
CA ALA B 90 -0.90 -20.21 8.81
C ALA B 90 0.08 -21.36 9.05
N LYS B 91 -0.39 -22.57 8.78
CA LYS B 91 0.39 -23.81 8.90
C LYS B 91 -0.06 -24.57 7.68
N LYS B 92 0.72 -25.54 7.23
CA LYS B 92 0.36 -26.32 6.05
C LYS B 92 -1.01 -26.95 6.25
N ASP B 93 -1.84 -26.83 5.21
CA ASP B 93 -3.18 -27.39 5.22
C ASP B 93 -4.12 -26.95 6.36
N ALA B 94 -3.77 -25.89 7.08
CA ALA B 94 -4.66 -25.44 8.15
C ALA B 94 -5.87 -24.68 7.58
N TRP B 95 -6.82 -24.40 8.46
CA TRP B 95 -8.07 -23.74 8.11
C TRP B 95 -8.32 -22.43 8.82
N VAL B 96 -9.15 -21.61 8.15
CA VAL B 96 -9.64 -20.36 8.71
C VAL B 96 -11.16 -20.42 8.51
N VAL B 97 -11.94 -19.96 9.48
CA VAL B 97 -13.38 -19.93 9.27
C VAL B 97 -13.77 -18.46 9.33
N MET B 98 -14.49 -18.00 8.31
CA MET B 98 -14.95 -16.61 8.29
C MET B 98 -16.45 -16.61 7.89
N ASP B 99 -17.19 -15.56 8.23
CA ASP B 99 -18.60 -15.51 7.86
C ASP B 99 -18.84 -15.35 6.35
N GLU B 100 -19.94 -15.91 5.88
CA GLU B 100 -20.33 -15.85 4.46
C GLU B 100 -20.43 -14.43 3.94
N ASN B 101 -20.79 -13.49 4.83
CA ASN B 101 -20.91 -12.08 4.47
C ASN B 101 -19.57 -11.36 4.38
N CYS B 102 -18.48 -12.13 4.48
CA CYS B 102 -17.14 -11.57 4.41
C CYS B 102 -16.80 -10.87 3.10
N HIS B 103 -15.83 -9.97 3.19
CA HIS B 103 -15.41 -9.23 2.03
C HIS B 103 -14.53 -10.10 1.12
N TYR B 104 -14.68 -9.99 -0.20
CA TYR B 104 -13.83 -10.78 -1.08
C TYR B 104 -12.32 -10.65 -0.74
N SER B 105 -11.91 -9.50 -0.20
CA SER B 105 -10.50 -9.32 0.14
C SER B 105 -10.16 -10.21 1.33
N SER B 106 -11.16 -10.49 2.15
CA SER B 106 -10.94 -11.36 3.29
C SER B 106 -10.67 -12.78 2.77
N TYR B 107 -11.42 -13.13 1.73
CA TYR B 107 -11.32 -14.46 1.13
C TYR B 107 -10.05 -14.61 0.32
N VAL B 108 -9.76 -13.63 -0.53
CA VAL B 108 -8.56 -13.69 -1.32
C VAL B 108 -7.31 -13.63 -0.41
N ALA B 109 -7.39 -12.91 0.70
CA ALA B 109 -6.25 -12.85 1.61
C ALA B 109 -5.95 -14.24 2.09
N ALA B 110 -7.00 -14.97 2.44
CA ALA B 110 -6.86 -16.35 2.93
C ALA B 110 -6.30 -17.25 1.84
N GLU B 111 -6.76 -17.06 0.60
CA GLU B 111 -6.23 -17.85 -0.50
C GLU B 111 -4.72 -17.54 -0.56
N ARG B 112 -4.36 -16.26 -0.63
CA ARG B 112 -2.95 -15.90 -0.68
C ARG B 112 -2.11 -16.50 0.46
N ALA B 113 -2.71 -16.74 1.61
CA ALA B 113 -1.94 -17.32 2.71
C ALA B 113 -1.90 -18.83 2.59
N GLY B 114 -2.59 -19.36 1.59
CA GLY B 114 -2.63 -20.79 1.37
C GLY B 114 -3.44 -21.58 2.37
N LEU B 115 -4.50 -20.98 2.91
CA LEU B 115 -5.35 -21.65 3.88
C LEU B 115 -6.65 -22.18 3.29
N ASN B 116 -7.21 -23.20 3.95
CA ASN B 116 -8.49 -23.74 3.52
C ASN B 116 -9.55 -22.83 4.16
N ILE B 117 -10.60 -22.56 3.41
CA ILE B 117 -11.63 -21.67 3.92
C ILE B 117 -12.97 -22.33 4.18
N ALA B 118 -13.50 -22.11 5.38
CA ALA B 118 -14.82 -22.61 5.73
C ALA B 118 -15.61 -21.36 6.07
N LEU B 119 -16.75 -21.19 5.40
CA LEU B 119 -17.64 -20.07 5.59
C LEU B 119 -18.79 -20.37 6.55
N VAL B 120 -18.99 -19.55 7.60
CA VAL B 120 -20.14 -19.83 8.44
C VAL B 120 -21.29 -19.20 7.66
N PRO B 121 -22.34 -19.97 7.43
CA PRO B 121 -23.51 -19.49 6.68
C PRO B 121 -24.32 -18.44 7.39
N LYS B 122 -25.01 -17.65 6.58
CA LYS B 122 -25.85 -16.59 7.08
C LYS B 122 -27.30 -17.09 7.09
N THR B 123 -28.08 -16.44 7.93
CA THR B 123 -29.50 -16.69 8.06
C THR B 123 -30.12 -16.31 6.69
N ASP B 124 -31.29 -16.86 6.37
CA ASP B 124 -31.97 -16.55 5.10
C ASP B 124 -32.65 -15.16 5.00
N TYR B 125 -33.01 -14.76 3.77
CA TYR B 125 -33.71 -13.49 3.52
C TYR B 125 -34.86 -13.50 4.50
N PRO B 126 -35.19 -12.35 5.11
CA PRO B 126 -34.66 -10.98 5.01
C PRO B 126 -33.43 -10.65 5.89
N ASP B 127 -33.17 -11.46 6.91
CA ASP B 127 -32.06 -11.21 7.83
C ASP B 127 -30.62 -11.26 7.32
N TYR B 128 -30.25 -12.36 6.69
CA TYR B 128 -28.88 -12.51 6.22
C TYR B 128 -27.89 -12.24 7.36
N ALA B 129 -28.16 -12.78 8.54
CA ALA B 129 -27.32 -12.57 9.71
C ALA B 129 -26.33 -13.69 9.99
N ILE B 130 -25.25 -13.32 10.69
CA ILE B 130 -24.22 -14.25 11.10
C ILE B 130 -24.47 -14.38 12.60
N THR B 131 -24.82 -15.58 13.03
CA THR B 131 -25.16 -15.83 14.43
C THR B 131 -24.10 -16.57 15.22
N PRO B 132 -23.98 -16.27 16.53
CA PRO B 132 -22.99 -16.98 17.35
C PRO B 132 -23.17 -18.50 17.22
N GLU B 133 -24.41 -18.94 17.07
CA GLU B 133 -24.69 -20.37 16.95
C GLU B 133 -24.19 -20.99 15.66
N ASN B 134 -24.44 -20.33 14.53
CA ASN B 134 -23.93 -20.92 13.32
C ASN B 134 -22.42 -20.83 13.27
N PHE B 135 -21.87 -19.82 13.93
CA PHE B 135 -20.43 -19.64 13.91
C PHE B 135 -19.82 -20.81 14.66
N ALA B 136 -20.30 -21.03 15.89
CA ALA B 136 -19.82 -22.15 16.72
C ALA B 136 -19.93 -23.49 15.96
N GLN B 137 -21.09 -23.76 15.38
CA GLN B 137 -21.25 -24.98 14.62
C GLN B 137 -20.16 -25.07 13.57
N THR B 138 -19.95 -23.99 12.81
CA THR B 138 -18.95 -24.01 11.74
C THR B 138 -17.57 -24.28 12.29
N ILE B 139 -17.22 -23.67 13.40
CA ILE B 139 -15.92 -23.91 13.97
C ILE B 139 -15.78 -25.39 14.28
N GLU B 140 -16.71 -25.91 15.06
CA GLU B 140 -16.68 -27.31 15.45
C GLU B 140 -16.59 -28.27 14.26
N GLU B 141 -17.36 -28.03 13.20
CA GLU B 141 -17.31 -28.93 12.05
C GLU B 141 -16.00 -28.83 11.31
N THR B 142 -15.43 -27.63 11.30
CA THR B 142 -14.16 -27.42 10.61
C THR B 142 -13.02 -28.08 11.40
N LYS B 143 -13.02 -27.91 12.73
CA LYS B 143 -12.00 -28.55 13.56
C LYS B 143 -11.90 -30.07 13.26
N LYS B 144 -12.93 -30.60 12.61
CA LYS B 144 -13.01 -32.01 12.23
C LYS B 144 -12.14 -32.27 10.99
N ARG B 145 -12.00 -31.25 10.14
CA ARG B 145 -11.23 -31.39 8.92
C ARG B 145 -9.75 -31.02 8.99
N GLY B 146 -9.31 -30.50 10.14
CA GLY B 146 -7.91 -30.10 10.30
C GLY B 146 -7.77 -28.99 11.32
N GLU B 147 -6.59 -28.40 11.44
CA GLU B 147 -6.42 -27.34 12.42
C GLU B 147 -7.05 -26.02 11.94
N VAL B 148 -7.76 -25.35 12.83
CA VAL B 148 -8.40 -24.09 12.52
C VAL B 148 -7.49 -23.13 13.26
N VAL B 149 -6.68 -22.42 12.49
CA VAL B 149 -5.71 -21.50 13.05
C VAL B 149 -6.22 -20.07 13.27
N LEU B 150 -7.39 -19.77 12.72
CA LEU B 150 -7.97 -18.42 12.84
C LEU B 150 -9.44 -18.30 12.41
N ALA B 151 -10.18 -17.43 13.09
CA ALA B 151 -11.57 -17.16 12.72
C ALA B 151 -11.71 -15.67 12.37
N LEU B 152 -12.74 -15.32 11.60
CA LEU B 152 -12.94 -13.92 11.25
C LEU B 152 -14.42 -13.52 11.05
N ILE B 153 -14.90 -12.45 11.72
CA ILE B 153 -16.27 -11.94 11.50
C ILE B 153 -16.10 -10.56 10.92
N THR B 154 -16.94 -10.18 9.94
CA THR B 154 -16.80 -8.84 9.42
C THR B 154 -17.85 -8.06 10.21
N TYR B 155 -17.45 -6.89 10.71
CA TYR B 155 -18.28 -6.11 11.59
C TYR B 155 -18.23 -4.64 11.24
N PRO B 156 -19.17 -4.17 10.40
CA PRO B 156 -20.29 -4.90 9.79
C PRO B 156 -19.88 -5.45 8.41
N ASP B 157 -20.71 -6.33 7.85
CA ASP B 157 -20.44 -6.85 6.51
C ASP B 157 -20.69 -5.71 5.52
N GLY B 158 -19.95 -5.70 4.42
CA GLY B 158 -20.09 -4.61 3.45
C GLY B 158 -21.18 -4.76 2.42
N ASN B 159 -22.04 -5.75 2.61
CA ASN B 159 -23.12 -5.97 1.66
C ASN B 159 -24.43 -5.44 2.22
N TYR B 160 -24.68 -5.81 3.47
CA TYR B 160 -25.92 -5.49 4.18
C TYR B 160 -25.77 -4.46 5.27
N GLY B 161 -24.55 -4.33 5.77
CA GLY B 161 -24.32 -3.42 6.84
C GLY B 161 -24.80 -4.03 8.12
N ASN B 162 -24.87 -5.37 8.21
CA ASN B 162 -25.34 -6.01 9.44
C ASN B 162 -24.25 -6.12 10.43
N LEU B 163 -24.60 -5.87 11.68
CA LEU B 163 -23.65 -5.95 12.77
C LEU B 163 -23.84 -7.26 13.54
N PRO B 164 -23.01 -8.28 13.30
CA PRO B 164 -23.30 -9.48 14.11
C PRO B 164 -22.96 -9.21 15.58
N ASP B 165 -23.26 -10.15 16.46
CA ASP B 165 -22.95 -10.02 17.88
C ASP B 165 -21.52 -10.51 18.12
N VAL B 166 -20.54 -9.62 17.85
CA VAL B 166 -19.11 -9.94 18.01
C VAL B 166 -18.74 -10.39 19.41
N LYS B 167 -19.25 -9.66 20.41
CA LYS B 167 -19.02 -9.95 21.82
C LYS B 167 -19.25 -11.46 22.02
N LYS B 168 -20.39 -11.95 21.52
CA LYS B 168 -20.77 -13.36 21.64
C LYS B 168 -19.97 -14.27 20.71
N ILE B 169 -19.65 -13.78 19.51
CA ILE B 169 -18.88 -14.60 18.59
C ILE B 169 -17.46 -14.72 19.14
N ALA B 170 -16.98 -13.67 19.78
CA ALA B 170 -15.66 -13.71 20.40
C ALA B 170 -15.64 -14.80 21.52
N LYS B 171 -16.66 -14.84 22.37
CA LYS B 171 -16.73 -15.87 23.42
C LYS B 171 -16.71 -17.25 22.78
N VAL B 172 -17.50 -17.45 21.73
CA VAL B 172 -17.50 -18.74 21.05
C VAL B 172 -16.06 -19.09 20.66
N CYS B 173 -15.37 -18.13 20.06
CA CYS B 173 -14.00 -18.40 19.66
C CYS B 173 -13.10 -18.75 20.84
N SER B 174 -13.14 -17.96 21.92
CA SER B 174 -12.32 -18.28 23.11
C SER B 174 -12.52 -19.74 23.52
N GLU B 175 -13.77 -20.09 23.82
CA GLU B 175 -14.01 -21.45 24.25
C GLU B 175 -13.64 -22.52 23.24
N TYR B 176 -13.40 -22.14 22.00
CA TYR B 176 -12.99 -23.13 21.00
C TYR B 176 -11.47 -23.01 20.76
N ASP B 177 -10.84 -22.08 21.48
CA ASP B 177 -9.43 -21.82 21.34
C ASP B 177 -8.91 -21.39 19.98
N VAL B 178 -9.69 -20.60 19.25
CA VAL B 178 -9.19 -20.17 17.95
C VAL B 178 -9.13 -18.66 17.96
N PRO B 179 -7.99 -18.10 17.55
CA PRO B 179 -7.90 -16.63 17.55
C PRO B 179 -8.96 -16.02 16.64
N LEU B 180 -9.49 -14.88 17.06
CA LEU B 180 -10.49 -14.20 16.27
C LEU B 180 -10.00 -12.82 15.77
N LEU B 181 -10.10 -12.62 14.45
CA LEU B 181 -9.77 -11.34 13.79
C LEU B 181 -11.11 -10.69 13.45
N VAL B 182 -11.29 -9.46 13.92
CA VAL B 182 -12.49 -8.69 13.64
C VAL B 182 -12.17 -7.76 12.48
N ASN B 183 -12.90 -7.89 11.37
CA ASN B 183 -12.70 -7.00 10.24
C ASN B 183 -13.65 -5.82 10.42
N GLY B 184 -13.12 -4.74 10.98
CA GLY B 184 -13.94 -3.57 11.22
C GLY B 184 -13.76 -2.48 10.19
N ALA B 185 -13.50 -2.86 8.93
CA ALA B 185 -13.34 -1.86 7.90
C ALA B 185 -14.45 -0.80 7.93
N TYR B 186 -15.67 -1.24 8.23
CA TYR B 186 -16.79 -0.32 8.23
C TYR B 186 -17.22 0.11 9.61
N ALA B 187 -16.37 -0.09 10.59
CA ALA B 187 -16.71 0.29 11.96
C ALA B 187 -15.73 1.35 12.53
N ILE B 188 -14.44 1.07 12.46
CA ILE B 188 -13.40 1.96 12.95
C ILE B 188 -13.53 3.35 12.32
N GLY B 189 -13.76 4.37 13.15
CA GLY B 189 -13.86 5.71 12.60
C GLY B 189 -15.29 6.11 12.29
N ARG B 190 -16.22 5.23 12.66
CA ARG B 190 -17.65 5.46 12.44
C ARG B 190 -18.32 5.30 13.81
N MET B 191 -18.12 4.13 14.40
CA MET B 191 -18.70 3.82 15.69
C MET B 191 -17.65 3.50 16.71
N PRO B 192 -18.00 3.55 17.98
CA PRO B 192 -16.97 3.22 18.95
C PRO B 192 -16.71 1.71 18.99
N VAL B 193 -15.46 1.35 18.83
CA VAL B 193 -15.07 -0.06 18.88
C VAL B 193 -13.86 -0.17 19.78
N SER B 194 -13.81 -1.25 20.54
CA SER B 194 -12.72 -1.50 21.45
C SER B 194 -12.41 -2.99 21.36
N LEU B 195 -11.19 -3.31 20.96
CA LEU B 195 -10.80 -4.71 20.86
C LEU B 195 -10.95 -5.35 22.23
N LYS B 196 -10.58 -4.62 23.29
CA LYS B 196 -10.69 -5.15 24.64
C LYS B 196 -12.16 -5.42 24.95
N GLU B 197 -13.06 -4.47 24.68
CA GLU B 197 -14.49 -4.73 24.93
C GLU B 197 -15.02 -5.95 24.15
N ILE B 198 -14.65 -6.08 22.88
CA ILE B 198 -15.15 -7.19 22.09
C ILE B 198 -14.63 -8.51 22.61
N GLY B 199 -13.35 -8.50 22.99
CA GLY B 199 -12.72 -9.71 23.50
C GLY B 199 -12.12 -10.53 22.37
N ALA B 200 -11.81 -9.88 21.25
CA ALA B 200 -11.22 -10.62 20.13
C ALA B 200 -9.71 -10.44 20.22
N ASP B 201 -9.00 -11.07 19.28
CA ASP B 201 -7.55 -11.03 19.23
C ASP B 201 -6.97 -9.94 18.31
N PHE B 202 -7.65 -9.69 17.18
CA PHE B 202 -7.18 -8.72 16.21
C PHE B 202 -8.35 -7.93 15.70
N ILE B 203 -8.06 -6.71 15.28
CA ILE B 203 -9.07 -5.82 14.74
C ILE B 203 -8.41 -5.05 13.62
N VAL B 204 -9.17 -4.84 12.56
CA VAL B 204 -8.66 -4.16 11.38
C VAL B 204 -9.63 -3.06 10.94
N GLY B 205 -9.10 -1.96 10.42
CA GLY B 205 -9.90 -0.85 9.98
C GLY B 205 -9.35 -0.34 8.65
N SER B 206 -10.13 0.50 7.96
CA SER B 206 -9.71 1.01 6.66
C SER B 206 -9.75 2.52 6.68
N GLY B 207 -8.61 3.14 6.48
CA GLY B 207 -8.54 4.58 6.51
C GLY B 207 -9.31 5.28 5.41
N HIS B 208 -9.28 4.73 4.20
CA HIS B 208 -9.97 5.38 3.10
C HIS B 208 -11.45 5.16 3.08
N LYS B 209 -11.96 4.16 3.77
CA LYS B 209 -13.42 4.05 3.70
C LYS B 209 -14.08 4.52 5.00
N SER B 210 -13.35 4.56 6.12
CA SER B 210 -14.01 4.98 7.36
C SER B 210 -13.25 5.93 8.25
N MET B 211 -12.11 6.43 7.80
CA MET B 211 -11.36 7.33 8.64
C MET B 211 -10.95 8.60 7.91
N ALA B 212 -11.74 9.00 6.92
CA ALA B 212 -11.47 10.25 6.20
C ALA B 212 -10.03 10.46 5.79
N ALA B 213 -9.39 9.40 5.28
CA ALA B 213 -8.00 9.49 4.85
C ALA B 213 -7.89 9.03 3.40
N SER B 214 -6.81 9.39 2.72
CA SER B 214 -6.68 9.01 1.32
C SER B 214 -5.78 7.83 1.04
N GLY B 215 -5.51 7.61 -0.26
CA GLY B 215 -4.67 6.54 -0.78
C GLY B 215 -4.96 5.25 -0.06
N PRO B 216 -4.25 4.14 -0.34
CA PRO B 216 -4.52 2.87 0.37
C PRO B 216 -3.85 2.86 1.74
N ILE B 217 -4.65 2.77 2.79
CA ILE B 217 -4.13 2.74 4.16
C ILE B 217 -5.05 2.07 5.16
N GLY B 218 -4.44 1.29 6.04
CA GLY B 218 -5.24 0.59 7.02
C GLY B 218 -4.70 0.70 8.42
N VAL B 219 -5.46 0.13 9.33
CA VAL B 219 -5.12 0.17 10.71
C VAL B 219 -5.33 -1.24 11.27
N MET B 220 -4.44 -1.66 12.18
CA MET B 220 -4.49 -2.99 12.75
C MET B 220 -4.07 -2.95 14.21
N GLY B 221 -4.91 -3.53 15.06
CA GLY B 221 -4.62 -3.57 16.47
C GLY B 221 -4.74 -5.01 16.91
N MET B 222 -3.98 -5.37 17.94
CA MET B 222 -4.03 -6.72 18.45
C MET B 222 -3.62 -6.74 19.94
N LYS B 223 -3.75 -7.90 20.57
CA LYS B 223 -3.37 -8.10 21.96
C LYS B 223 -1.85 -8.26 21.96
N GLU B 224 -1.18 -7.71 22.98
CA GLU B 224 0.27 -7.77 23.09
C GLU B 224 0.81 -9.15 22.74
N GLU B 225 0.21 -10.17 23.32
CA GLU B 225 0.70 -11.51 23.05
C GLU B 225 0.80 -11.92 21.57
N TRP B 226 0.04 -11.28 20.70
CA TRP B 226 0.13 -11.62 19.28
C TRP B 226 1.17 -10.81 18.55
N ALA B 227 1.64 -9.76 19.21
CA ALA B 227 2.65 -8.87 18.67
C ALA B 227 3.93 -9.57 18.28
N GLU B 228 4.44 -10.47 19.11
CA GLU B 228 5.72 -11.10 18.74
C GLU B 228 5.63 -12.15 17.65
N ILE B 229 4.41 -12.45 17.21
CA ILE B 229 4.21 -13.40 16.13
C ILE B 229 4.01 -12.59 14.85
N VAL B 230 2.94 -11.80 14.82
CA VAL B 230 2.64 -10.98 13.66
C VAL B 230 3.63 -9.83 13.44
N LEU B 231 4.09 -9.19 14.52
CA LEU B 231 5.05 -8.07 14.43
C LEU B 231 6.49 -8.50 14.69
N ARG B 232 6.80 -9.75 14.34
CA ARG B 232 8.14 -10.30 14.53
C ARG B 232 9.13 -9.52 13.67
N ARG B 233 10.35 -9.38 14.19
CA ARG B 233 11.36 -8.63 13.47
C ARG B 233 12.15 -9.49 12.52
N SER B 234 12.92 -8.83 11.67
CA SER B 234 13.79 -9.48 10.73
C SER B 234 14.99 -9.97 11.50
N GLU B 235 15.65 -11.01 10.98
CA GLU B 235 16.83 -11.58 11.63
C GLU B 235 18.04 -10.66 11.47
N LYS B 236 18.14 -10.06 10.30
CA LYS B 236 19.22 -9.17 9.97
C LYS B 236 18.92 -7.75 10.43
N TYR B 237 17.78 -7.22 10.01
CA TYR B 237 17.42 -5.86 10.37
C TYR B 237 16.46 -5.90 11.54
N LYS B 238 17.03 -6.16 12.72
CA LYS B 238 16.26 -6.28 13.94
C LYS B 238 15.28 -5.16 14.25
N ASN B 239 15.41 -4.05 13.55
CA ASN B 239 14.54 -2.91 13.77
C ASN B 239 13.30 -2.86 12.84
N LYS B 240 13.29 -3.71 11.82
CA LYS B 240 12.21 -3.76 10.84
C LYS B 240 11.29 -4.97 11.08
N GLU B 241 9.98 -4.80 10.89
CA GLU B 241 9.04 -5.92 11.07
C GLU B 241 8.80 -6.60 9.73
N VAL B 242 8.95 -7.91 9.70
CA VAL B 242 8.80 -8.67 8.46
C VAL B 242 7.44 -8.58 7.76
N GLU B 243 6.40 -8.80 8.52
CA GLU B 243 5.08 -8.80 7.95
C GLU B 243 4.77 -7.46 7.26
N LEU B 244 5.36 -6.38 7.76
CA LEU B 244 5.10 -5.08 7.15
C LEU B 244 6.23 -4.67 6.21
N LEU B 245 7.09 -5.63 5.85
CA LEU B 245 8.20 -5.37 4.95
C LEU B 245 9.00 -4.14 5.40
N GLY B 246 9.17 -4.01 6.73
CA GLY B 246 9.92 -2.90 7.32
C GLY B 246 9.45 -1.51 6.94
N CYS B 247 8.24 -1.42 6.39
CA CYS B 247 7.71 -0.15 5.92
C CYS B 247 7.22 0.78 7.02
N THR B 248 7.88 1.91 7.16
CA THR B 248 7.46 2.90 8.14
C THR B 248 6.08 3.42 7.63
N ALA B 249 5.93 3.47 6.30
CA ALA B 249 4.69 3.86 5.61
C ALA B 249 4.36 5.34 5.40
N ARG B 250 5.35 6.22 5.52
CA ARG B 250 5.12 7.67 5.33
C ARG B 250 4.42 7.97 4.00
N GLY B 251 4.14 9.26 3.75
CA GLY B 251 3.46 9.63 2.53
C GLY B 251 2.20 10.44 2.80
N ALA B 252 1.46 10.79 1.77
CA ALA B 252 0.24 11.58 1.95
C ALA B 252 -0.81 10.75 2.70
N THR B 253 -0.70 9.45 2.52
CA THR B 253 -1.57 8.48 3.13
C THR B 253 -1.64 8.64 4.67
N ILE B 254 -0.52 8.47 5.35
CA ILE B 254 -0.46 8.59 6.80
C ILE B 254 -0.67 10.04 7.24
N ILE B 255 -0.31 10.97 6.37
CA ILE B 255 -0.49 12.39 6.64
C ILE B 255 -1.99 12.67 6.78
N THR B 256 -2.78 12.27 5.78
CA THR B 256 -4.22 12.51 5.84
C THR B 256 -4.86 11.76 7.00
N LEU B 257 -4.37 10.56 7.29
CA LEU B 257 -4.94 9.76 8.36
C LEU B 257 -4.76 10.47 9.70
N MET B 258 -3.55 11.00 9.93
CA MET B 258 -3.29 11.72 11.18
C MET B 258 -3.98 13.07 11.19
N ALA B 259 -3.97 13.75 10.04
CA ALA B 259 -4.63 15.05 9.96
C ALA B 259 -6.12 14.95 10.25
N SER B 260 -6.81 13.91 9.77
CA SER B 260 -8.27 13.76 10.00
C SER B 260 -8.62 13.11 11.35
N PHE B 261 -7.62 12.57 12.02
CA PHE B 261 -7.89 11.84 13.25
C PHE B 261 -8.63 12.57 14.37
N PRO B 262 -8.29 13.83 14.63
CA PRO B 262 -8.99 14.55 15.70
C PRO B 262 -10.48 14.58 15.34
N HIS B 263 -10.78 14.94 14.12
CA HIS B 263 -12.18 14.97 13.71
C HIS B 263 -12.82 13.58 13.76
N VAL B 264 -12.09 12.58 13.29
CA VAL B 264 -12.58 11.20 13.31
C VAL B 264 -12.82 10.67 14.72
N ARG B 265 -11.98 11.08 15.67
CA ARG B 265 -12.11 10.66 17.06
C ARG B 265 -13.39 11.24 17.68
N GLU B 266 -13.75 12.42 17.22
CA GLU B 266 -14.92 13.11 17.72
C GLU B 266 -16.20 12.72 16.96
N ARG B 267 -16.06 12.42 15.68
CA ARG B 267 -17.21 12.09 14.84
C ARG B 267 -17.88 10.79 15.31
N ILE B 268 -17.13 9.90 15.95
CA ILE B 268 -17.76 8.66 16.40
C ILE B 268 -18.75 8.94 17.53
N LYS B 269 -18.60 10.08 18.20
CA LYS B 269 -19.51 10.45 19.28
C LYS B 269 -20.92 10.79 18.74
N ARG B 270 -21.05 10.84 17.41
CA ARG B 270 -22.32 11.11 16.75
C ARG B 270 -22.92 9.85 16.08
N TRP B 271 -22.38 8.66 16.36
CA TRP B 271 -22.87 7.43 15.74
C TRP B 271 -24.38 7.24 15.84
N ASP B 272 -24.93 7.45 17.03
CA ASP B 272 -26.36 7.27 17.24
C ASP B 272 -27.23 8.13 16.37
N GLU B 273 -26.76 9.33 16.06
CA GLU B 273 -27.52 10.19 15.18
C GLU B 273 -27.54 9.46 13.85
N GLU B 274 -26.34 9.11 13.41
CA GLU B 274 -26.18 8.42 12.13
C GLU B 274 -27.11 7.23 11.97
N VAL B 275 -27.29 6.40 13.00
CA VAL B 275 -28.17 5.28 12.79
C VAL B 275 -29.62 5.70 12.83
N GLU B 276 -29.98 6.61 13.73
CA GLU B 276 -31.36 7.08 13.78
C GLU B 276 -31.68 7.62 12.37
N LYS B 277 -30.71 8.32 11.79
CA LYS B 277 -30.90 8.90 10.46
C LYS B 277 -31.06 7.82 9.41
N ALA B 278 -30.31 6.74 9.56
CA ALA B 278 -30.37 5.65 8.60
C ALA B 278 -31.71 4.91 8.69
N ARG B 279 -32.20 4.70 9.91
CA ARG B 279 -33.47 4.04 10.14
C ARG B 279 -34.60 4.91 9.56
N ARG B 280 -34.49 6.19 9.79
CA ARG B 280 -35.46 7.14 9.27
C ARG B 280 -35.49 7.01 7.76
N PHE B 281 -34.32 6.96 7.15
CA PHE B 281 -34.25 6.85 5.71
C PHE B 281 -34.90 5.56 5.19
N ALA B 282 -34.56 4.44 5.82
CA ALA B 282 -35.08 3.13 5.44
C ALA B 282 -36.58 3.04 5.54
N ALA B 283 -37.15 3.67 6.56
CA ALA B 283 -38.58 3.66 6.79
C ALA B 283 -39.33 4.36 5.66
N GLU B 284 -38.82 5.51 5.24
CA GLU B 284 -39.45 6.25 4.15
C GLU B 284 -39.34 5.41 2.89
N MET B 285 -38.16 4.88 2.61
CA MET B 285 -37.96 4.05 1.43
C MET B 285 -39.01 2.96 1.36
N GLU B 286 -39.24 2.26 2.48
CA GLU B 286 -40.26 1.21 2.48
C GLU B 286 -41.61 1.78 2.05
N LYS B 287 -41.98 2.95 2.57
CA LYS B 287 -43.25 3.55 2.19
C LYS B 287 -43.34 3.67 0.67
N LEU B 288 -42.19 3.76 0.01
CA LEU B 288 -42.14 3.86 -1.44
C LEU B 288 -42.00 2.51 -2.15
N GLY B 289 -42.10 1.41 -1.41
CA GLY B 289 -41.94 0.13 -2.09
C GLY B 289 -40.53 -0.41 -2.17
N ILE B 290 -39.51 0.36 -1.78
CA ILE B 290 -38.18 -0.20 -1.81
C ILE B 290 -37.78 -0.56 -0.37
N LYS B 291 -37.61 -1.87 -0.15
CA LYS B 291 -37.32 -2.44 1.16
C LYS B 291 -35.88 -2.73 1.55
N GLN B 292 -35.53 -2.29 2.76
CA GLN B 292 -34.19 -2.48 3.31
C GLN B 292 -34.05 -3.87 3.91
N LEU B 293 -33.02 -4.61 3.53
CA LEU B 293 -32.82 -5.96 4.07
C LEU B 293 -31.85 -6.01 5.25
N GLY B 294 -31.69 -7.19 5.84
CA GLY B 294 -30.79 -7.30 6.96
C GLY B 294 -31.39 -6.85 8.28
N ASP B 295 -30.53 -6.47 9.23
CA ASP B 295 -30.96 -6.07 10.56
C ASP B 295 -32.09 -5.07 10.55
N ASN B 296 -33.08 -5.33 11.38
CA ASN B 296 -34.22 -4.45 11.47
C ASN B 296 -34.67 -4.37 12.92
N PRO B 297 -34.57 -3.20 13.56
CA PRO B 297 -34.06 -1.92 13.02
C PRO B 297 -32.59 -2.04 12.62
N HIS B 298 -32.19 -1.29 11.59
CA HIS B 298 -30.82 -1.37 11.13
C HIS B 298 -29.90 -0.60 12.07
N ASN B 299 -28.67 -1.09 12.23
CA ASN B 299 -27.71 -0.44 13.14
C ASN B 299 -26.44 0.11 12.50
N HIS B 300 -26.55 0.56 11.26
CA HIS B 300 -25.40 1.07 10.55
C HIS B 300 -25.92 1.93 9.43
N ASP B 301 -25.06 2.78 8.88
CA ASP B 301 -25.43 3.68 7.77
C ASP B 301 -25.51 2.94 6.41
N LEU B 302 -24.85 1.79 6.30
CA LEU B 302 -24.83 1.00 5.06
C LEU B 302 -26.09 0.14 4.94
N MET B 303 -26.86 0.39 3.91
CA MET B 303 -28.11 -0.33 3.76
C MET B 303 -28.27 -0.95 2.40
N PHE B 304 -28.80 -2.17 2.39
CA PHE B 304 -28.99 -2.88 1.14
C PHE B 304 -30.48 -2.97 0.86
N PHE B 305 -30.89 -2.53 -0.32
CA PHE B 305 -32.31 -2.52 -0.68
C PHE B 305 -32.81 -3.42 -1.81
N HIS B 306 -34.07 -3.83 -1.67
CA HIS B 306 -34.75 -4.63 -2.68
C HIS B 306 -35.80 -3.68 -3.23
N ALA B 307 -35.65 -3.31 -4.49
CA ALA B 307 -36.59 -2.39 -5.14
C ALA B 307 -37.23 -2.98 -6.40
N GLU B 308 -38.11 -3.96 -6.21
CA GLU B 308 -38.77 -4.60 -7.35
C GLU B 308 -39.46 -3.58 -8.25
N VAL B 309 -39.89 -2.47 -7.67
CA VAL B 309 -40.57 -1.42 -8.44
C VAL B 309 -39.62 -0.74 -9.44
N LEU B 310 -38.38 -0.56 -9.05
CA LEU B 310 -37.40 0.07 -9.94
C LEU B 310 -36.99 -0.93 -11.01
N TYR B 311 -36.86 -2.20 -10.66
CA TYR B 311 -36.47 -3.22 -11.63
C TYR B 311 -37.48 -3.35 -12.75
N GLU B 312 -38.76 -3.24 -12.40
CA GLU B 312 -39.85 -3.33 -13.38
C GLU B 312 -39.87 -2.08 -14.25
N ILE B 313 -39.65 -0.92 -13.65
CA ILE B 313 -39.61 0.31 -14.42
C ILE B 313 -38.49 0.20 -15.44
N SER B 314 -37.44 -0.54 -15.12
CA SER B 314 -36.32 -0.65 -16.04
C SER B 314 -36.64 -1.47 -17.27
N LYS B 315 -37.77 -2.18 -17.23
CA LYS B 315 -38.14 -3.03 -18.35
C LYS B 315 -38.92 -2.21 -19.36
N LYS B 316 -39.32 -1.01 -18.96
CA LYS B 316 -40.09 -0.13 -19.83
C LYS B 316 -39.47 1.27 -19.92
N ALA B 317 -38.56 1.56 -18.98
CA ALA B 317 -37.93 2.87 -18.90
C ALA B 317 -36.91 3.24 -19.95
N LYS B 318 -36.80 4.55 -20.11
CA LYS B 318 -35.90 5.24 -21.02
C LYS B 318 -34.56 4.57 -21.32
N GLY B 319 -33.70 4.50 -20.31
CA GLY B 319 -32.38 3.92 -20.54
C GLY B 319 -32.20 2.46 -20.20
N GLY B 320 -33.29 1.80 -19.85
CA GLY B 320 -33.18 0.40 -19.49
C GLY B 320 -32.62 0.28 -18.10
N ARG B 321 -31.64 -0.59 -17.90
CA ARG B 321 -31.05 -0.76 -16.58
C ARG B 321 -30.32 0.49 -16.10
N PHE B 322 -30.01 1.39 -17.02
CA PHE B 322 -29.29 2.59 -16.64
C PHE B 322 -30.21 3.75 -16.38
N PHE B 323 -31.51 3.53 -16.48
CA PHE B 323 -32.43 4.64 -16.23
C PHE B 323 -32.22 5.22 -14.81
N LEU B 324 -32.03 4.37 -13.80
CA LEU B 324 -31.84 4.83 -12.41
C LEU B 324 -30.59 5.72 -12.28
N TYR B 325 -29.49 5.27 -12.88
CA TYR B 325 -28.25 6.04 -12.86
C TYR B 325 -28.61 7.43 -13.38
N ARG B 326 -29.13 7.44 -14.61
CA ARG B 326 -29.53 8.64 -15.31
C ARG B 326 -30.37 9.61 -14.49
N GLU B 327 -31.52 9.14 -13.98
CA GLU B 327 -32.38 9.99 -13.18
C GLU B 327 -31.63 10.54 -11.98
N LEU B 328 -30.89 9.67 -11.30
CA LEU B 328 -30.11 10.08 -10.14
C LEU B 328 -28.99 11.04 -10.52
N LYS B 329 -28.14 10.65 -11.46
CA LYS B 329 -27.06 11.53 -11.89
C LYS B 329 -27.64 12.90 -12.25
N SER B 330 -28.78 12.88 -12.92
CA SER B 330 -29.48 14.08 -13.34
C SER B 330 -29.93 14.94 -12.16
N ARG B 331 -30.11 14.34 -10.99
CA ARG B 331 -30.55 15.10 -9.82
C ARG B 331 -29.42 15.42 -8.83
N LYS B 332 -28.17 15.33 -9.31
CA LYS B 332 -27.01 15.63 -8.47
C LYS B 332 -26.79 14.53 -7.45
N ILE B 333 -27.04 13.28 -7.83
CA ILE B 333 -26.85 12.17 -6.91
C ILE B 333 -25.98 11.07 -7.50
N HIS B 334 -24.92 10.72 -6.77
CA HIS B 334 -23.95 9.71 -7.18
C HIS B 334 -23.83 8.66 -6.05
N GLY B 335 -23.49 7.42 -6.38
CA GLY B 335 -23.35 6.45 -5.32
C GLY B 335 -23.78 5.03 -5.57
N ILE B 336 -24.74 4.85 -6.48
CA ILE B 336 -25.21 3.51 -6.80
C ILE B 336 -24.64 3.07 -8.14
N LYS B 337 -24.04 1.89 -8.16
CA LYS B 337 -23.46 1.36 -9.38
C LYS B 337 -24.48 1.45 -10.51
N PRO B 338 -24.08 2.03 -11.64
CA PRO B 338 -25.00 2.16 -12.78
C PRO B 338 -25.40 0.81 -13.33
N GLY B 339 -26.65 0.68 -13.77
CA GLY B 339 -27.09 -0.60 -14.29
C GLY B 339 -27.65 -1.49 -13.19
N LEU B 340 -27.84 -0.94 -12.00
CA LEU B 340 -28.40 -1.68 -10.87
C LEU B 340 -29.71 -1.02 -10.51
N THR B 341 -30.78 -1.81 -10.42
CA THR B 341 -32.12 -1.29 -10.09
C THR B 341 -32.90 -2.20 -9.13
N ARG B 342 -32.68 -3.51 -9.21
CA ARG B 342 -33.41 -4.45 -8.38
C ARG B 342 -32.88 -4.48 -6.96
N TYR B 343 -31.57 -4.63 -6.81
CA TYR B 343 -30.97 -4.62 -5.48
C TYR B 343 -29.78 -3.70 -5.56
N PHE B 344 -29.55 -2.93 -4.51
CA PHE B 344 -28.40 -2.04 -4.46
C PHE B 344 -28.17 -1.56 -3.04
N LYS B 345 -26.94 -1.21 -2.72
CA LYS B 345 -26.63 -0.71 -1.39
C LYS B 345 -26.29 0.76 -1.48
N LEU B 346 -26.48 1.43 -0.36
CA LEU B 346 -26.18 2.83 -0.26
C LEU B 346 -25.91 3.21 1.19
N SER B 347 -25.29 4.38 1.37
CA SER B 347 -24.98 4.83 2.71
C SER B 347 -25.48 6.24 2.92
N THR B 348 -26.05 6.50 4.07
CA THR B 348 -26.55 7.84 4.39
C THR B 348 -25.57 8.47 5.38
N TYR B 349 -24.38 7.88 5.49
CA TYR B 349 -23.46 8.35 6.51
C TYR B 349 -23.33 9.83 6.83
N GLY B 350 -22.52 10.60 6.14
CA GLY B 350 -22.42 11.97 6.62
C GLY B 350 -23.37 13.00 6.03
N LEU B 351 -24.61 12.60 5.74
CA LEU B 351 -25.56 13.50 5.09
C LEU B 351 -26.41 14.30 6.06
N SER B 352 -26.70 15.53 5.66
CA SER B 352 -27.55 16.38 6.48
C SER B 352 -28.97 15.88 6.32
N ASP B 353 -29.81 16.22 7.27
CA ASP B 353 -31.18 15.78 7.18
C ASP B 353 -31.82 16.31 5.92
N GLU B 354 -31.34 17.45 5.43
CA GLU B 354 -31.92 17.98 4.22
C GLU B 354 -31.44 17.15 3.02
N GLU B 355 -30.17 16.76 2.99
CA GLU B 355 -29.70 15.93 1.88
C GLU B 355 -30.41 14.57 1.89
N VAL B 356 -30.74 14.09 3.10
CA VAL B 356 -31.45 12.81 3.24
C VAL B 356 -32.82 12.93 2.60
N ASP B 357 -33.55 13.98 2.99
CA ASP B 357 -34.88 14.23 2.48
C ASP B 357 -34.87 14.45 0.98
N TYR B 358 -33.80 15.06 0.48
CA TYR B 358 -33.68 15.33 -0.95
C TYR B 358 -33.61 14.01 -1.69
N VAL B 359 -32.72 13.13 -1.24
CA VAL B 359 -32.57 11.83 -1.87
C VAL B 359 -33.86 11.00 -1.77
N LEU B 360 -34.59 11.13 -0.68
CA LEU B 360 -35.83 10.38 -0.54
C LEU B 360 -36.80 10.90 -1.59
N ASN B 361 -36.93 12.22 -1.65
CA ASN B 361 -37.80 12.82 -2.63
C ASN B 361 -37.42 12.43 -4.04
N ALA B 362 -36.13 12.33 -4.32
CA ALA B 362 -35.72 11.96 -5.68
C ALA B 362 -36.24 10.59 -6.04
N PHE B 363 -36.32 9.70 -5.07
CA PHE B 363 -36.82 8.37 -5.34
C PHE B 363 -38.31 8.39 -5.56
N LYS B 364 -39.04 9.15 -4.73
CA LYS B 364 -40.47 9.25 -4.88
C LYS B 364 -40.79 9.71 -6.30
N GLU B 365 -40.12 10.77 -6.73
CA GLU B 365 -40.33 11.32 -8.05
C GLU B 365 -39.98 10.37 -9.18
N ILE B 366 -38.81 9.75 -9.10
CA ILE B 366 -38.42 8.84 -10.16
C ILE B 366 -39.45 7.74 -10.34
N ILE B 367 -40.13 7.40 -9.25
CA ILE B 367 -41.14 6.33 -9.30
C ILE B 367 -42.43 6.84 -9.93
N GLU B 368 -42.84 8.04 -9.52
CA GLU B 368 -44.04 8.63 -10.08
C GLU B 368 -43.83 8.91 -11.56
N LYS B 369 -42.71 9.53 -11.90
CA LYS B 369 -42.40 9.83 -13.28
C LYS B 369 -42.62 8.63 -14.21
N TYR B 370 -42.37 7.42 -13.73
CA TYR B 370 -42.53 6.27 -14.60
C TYR B 370 -43.73 5.38 -14.33
N SER B 371 -44.73 5.94 -13.67
CA SER B 371 -45.94 5.19 -13.38
C SER B 371 -46.83 5.96 -12.41
#